data_5GT2
#
_entry.id   5GT2
#
_cell.length_a   121.574
_cell.length_b   101.597
_cell.length_c   114.300
_cell.angle_alpha   90.00
_cell.angle_beta   111.51
_cell.angle_gamma   90.00
#
_symmetry.space_group_name_H-M   'C 1 2 1'
#
loop_
_entity.id
_entity.type
_entity.pdbx_description
1 polymer 'Probable deferrochelatase/peroxidase YfeX'
2 non-polymer 'PROTOPORPHYRIN IX CONTAINING FE'
3 water water
#
_entity_poly.entity_id   1
_entity_poly.type   'polypeptide(L)'
_entity_poly.pdbx_seq_one_letter_code
;MSQVQSGILPEHCRAAIWIEANVKGEVDALRAASKTFADKLATFEAKFPDAHLGAVVAFGNNTWRALSGGVGAEELKDFP
GYGKGLAPTTQFDVLIHILSLRHDVNFSVAQAAMEAFGDCIEVKEEIHGFRWVEERDLSGFVDGTENPAGEETRREVAVI
KDGVDAGGSYVFVQRWEHNLKQLNRMSVHDQEMMIGRTKEANEEIDGDERPETSHLTRVDLKEDGKGLKIVRQSLPYGTA
SGTHGLYFCAYCARLHNIEQQLLSMFGDTDGKRDAMLRFTKPVTGGYYFAPSLDKLMALLEHHHHHH
;
_entity_poly.pdbx_strand_id   A,B,C,D
#
loop_
_chem_comp.id
_chem_comp.type
_chem_comp.name
_chem_comp.formula
HEM non-polymer 'PROTOPORPHYRIN IX CONTAINING FE' 'C34 H32 Fe N4 O4'
#
# COMPACT_ATOMS: atom_id res chain seq x y z
N GLN A 3 -2.51 -4.41 -32.12
CA GLN A 3 -3.91 -4.08 -32.33
C GLN A 3 -4.35 -2.91 -31.44
N VAL A 4 -4.85 -3.22 -30.25
CA VAL A 4 -5.46 -2.20 -29.40
C VAL A 4 -4.39 -1.27 -28.84
N GLN A 5 -4.74 0.00 -28.70
CA GLN A 5 -3.85 0.93 -28.03
C GLN A 5 -3.75 0.59 -26.55
N SER A 6 -2.59 0.90 -25.96
CA SER A 6 -2.21 0.38 -24.66
C SER A 6 -2.97 0.99 -23.49
N GLY A 7 -3.70 2.08 -23.69
CA GLY A 7 -4.29 2.80 -22.58
C GLY A 7 -5.72 2.47 -22.23
N ILE A 8 -6.37 1.60 -23.00
CA ILE A 8 -7.80 1.34 -22.84
C ILE A 8 -8.07 0.34 -21.71
N LEU A 9 -7.35 -0.78 -21.71
CA LEU A 9 -7.65 -1.91 -20.83
C LEU A 9 -7.01 -1.92 -19.44
N PRO A 10 -5.83 -1.35 -19.23
CA PRO A 10 -5.17 -1.52 -17.92
C PRO A 10 -6.05 -1.06 -16.76
N GLU A 11 -5.96 -1.79 -15.66
CA GLU A 11 -6.76 -1.56 -14.47
C GLU A 11 -5.91 -0.97 -13.36
N HIS A 12 -6.60 -0.32 -12.41
CA HIS A 12 -6.01 0.13 -11.15
C HIS A 12 -4.88 1.15 -11.36
N CYS A 13 -5.02 2.01 -12.38
CA CYS A 13 -4.05 3.09 -12.52
C CYS A 13 -4.17 4.06 -11.35
N ARG A 14 -3.04 4.65 -10.96
CA ARG A 14 -2.97 5.62 -9.87
C ARG A 14 -2.96 7.07 -10.33
N ALA A 15 -2.56 7.32 -11.58
CA ALA A 15 -2.54 8.67 -12.12
C ALA A 15 -2.80 8.60 -13.62
N ALA A 16 -3.30 9.72 -14.14
CA ALA A 16 -3.54 9.85 -15.57
C ALA A 16 -3.40 11.31 -15.97
N ILE A 17 -3.04 11.51 -17.23
CA ILE A 17 -3.03 12.83 -17.85
C ILE A 17 -3.94 12.78 -19.08
N TRP A 18 -4.89 13.70 -19.15
CA TRP A 18 -5.71 13.90 -20.35
C TRP A 18 -5.36 15.23 -21.00
N ILE A 19 -5.11 15.19 -22.31
CA ILE A 19 -4.86 16.38 -23.11
C ILE A 19 -5.92 16.45 -24.19
N GLU A 20 -6.74 17.50 -24.16
CA GLU A 20 -7.70 17.80 -25.21
C GLU A 20 -7.19 19.01 -26.00
N ALA A 21 -7.27 18.92 -27.33
CA ALA A 21 -6.68 19.96 -28.18
C ALA A 21 -7.40 20.03 -29.51
N ASN A 22 -7.28 21.18 -30.18
CA ASN A 22 -7.72 21.31 -31.54
C ASN A 22 -6.55 21.16 -32.50
N VAL A 23 -6.87 20.78 -33.74
CA VAL A 23 -5.87 20.71 -34.80
C VAL A 23 -5.36 22.13 -35.09
N LYS A 24 -4.04 22.26 -35.16
CA LYS A 24 -3.37 23.54 -35.40
C LYS A 24 -2.69 23.43 -36.76
N GLY A 25 -3.31 24.04 -37.78
CA GLY A 25 -2.79 23.90 -39.13
C GLY A 25 -3.48 22.79 -39.89
N GLU A 26 -2.73 22.07 -40.72
CA GLU A 26 -3.31 21.02 -41.56
C GLU A 26 -3.39 19.70 -40.81
N VAL A 27 -4.50 18.98 -41.02
CA VAL A 27 -4.76 17.74 -40.28
C VAL A 27 -3.74 16.67 -40.61
N ASP A 28 -3.18 16.69 -41.83
CA ASP A 28 -2.27 15.65 -42.26
C ASP A 28 -1.01 15.56 -41.39
N ALA A 29 -0.69 16.63 -40.65
CA ALA A 29 0.48 16.61 -39.77
C ALA A 29 0.29 15.65 -38.59
N LEU A 30 -0.95 15.25 -38.29
CA LEU A 30 -1.20 14.31 -37.22
C LEU A 30 -0.59 12.94 -37.51
N ARG A 31 -0.51 12.56 -38.79
CA ARG A 31 -0.10 11.21 -39.16
C ARG A 31 1.31 10.91 -38.66
N ALA A 32 2.29 11.72 -39.07
CA ALA A 32 3.67 11.50 -38.62
C ALA A 32 3.80 11.75 -37.12
N ALA A 33 3.00 12.66 -36.58
CA ALA A 33 3.03 12.92 -35.14
C ALA A 33 2.56 11.69 -34.36
N SER A 34 1.50 11.04 -34.84
CA SER A 34 0.99 9.87 -34.12
C SER A 34 2.00 8.73 -34.12
N LYS A 35 2.66 8.49 -35.26
CA LYS A 35 3.71 7.47 -35.31
C LYS A 35 4.88 7.85 -34.41
N THR A 36 5.31 9.12 -34.46
CA THR A 36 6.44 9.55 -33.64
C THR A 36 6.15 9.37 -32.15
N PHE A 37 4.91 9.67 -31.73
CA PHE A 37 4.57 9.53 -30.32
C PHE A 37 4.44 8.06 -29.93
N ALA A 38 3.70 7.29 -30.74
CA ALA A 38 3.48 5.89 -30.41
C ALA A 38 4.79 5.11 -30.37
N ASP A 39 5.76 5.47 -31.21
CA ASP A 39 7.08 4.87 -31.11
C ASP A 39 7.73 5.20 -29.77
N LYS A 40 7.74 6.48 -29.40
CA LYS A 40 8.28 6.87 -28.11
C LYS A 40 7.50 6.24 -26.96
N LEU A 41 6.19 6.09 -27.13
CA LEU A 41 5.37 5.40 -26.14
C LEU A 41 5.93 4.02 -25.84
N ALA A 42 6.26 3.25 -26.89
CA ALA A 42 6.72 1.89 -26.70
C ALA A 42 8.05 1.84 -25.98
N THR A 43 8.95 2.78 -26.27
CA THR A 43 10.23 2.81 -25.57
C THR A 43 10.04 3.22 -24.11
N PHE A 44 9.01 4.00 -23.80
CA PHE A 44 8.71 4.31 -22.40
C PHE A 44 8.15 3.09 -21.68
N GLU A 45 7.28 2.33 -22.35
CA GLU A 45 6.81 1.09 -21.75
C GLU A 45 7.95 0.12 -21.49
N ALA A 46 8.97 0.12 -22.35
CA ALA A 46 10.10 -0.78 -22.15
C ALA A 46 10.97 -0.34 -20.98
N LYS A 47 11.18 0.97 -20.83
CA LYS A 47 12.00 1.46 -19.72
C LYS A 47 11.30 1.31 -18.38
N PHE A 48 9.97 1.34 -18.36
CA PHE A 48 9.19 1.23 -17.13
C PHE A 48 8.17 0.10 -17.28
N PRO A 49 8.64 -1.15 -17.28
CA PRO A 49 7.72 -2.28 -17.48
C PRO A 49 6.82 -2.53 -16.29
N ASP A 50 7.22 -2.09 -15.09
CA ASP A 50 6.44 -2.31 -13.88
C ASP A 50 5.46 -1.18 -13.58
N ALA A 51 5.40 -0.14 -14.42
CA ALA A 51 4.53 0.99 -14.15
C ALA A 51 3.11 0.80 -14.69
N HIS A 52 2.85 -0.28 -15.43
CA HIS A 52 1.56 -0.49 -16.09
C HIS A 52 1.19 0.73 -16.93
N LEU A 53 2.14 1.19 -17.71
CA LEU A 53 1.97 2.39 -18.51
C LEU A 53 1.17 2.08 -19.78
N GLY A 54 0.22 2.96 -20.09
CA GLY A 54 -0.48 2.88 -21.36
C GLY A 54 -0.90 4.27 -21.81
N ALA A 55 -1.25 4.37 -23.10
CA ALA A 55 -1.72 5.62 -23.67
C ALA A 55 -2.62 5.33 -24.86
N VAL A 56 -3.49 6.29 -25.17
CA VAL A 56 -4.35 6.20 -26.34
C VAL A 56 -4.50 7.59 -26.96
N VAL A 57 -4.42 7.64 -28.28
CA VAL A 57 -4.65 8.84 -29.06
C VAL A 57 -5.97 8.65 -29.80
N ALA A 58 -6.91 9.57 -29.59
CA ALA A 58 -8.23 9.50 -30.19
C ALA A 58 -8.55 10.82 -30.90
N PHE A 59 -9.48 10.76 -31.84
CA PHE A 59 -9.75 11.89 -32.72
C PHE A 59 -11.24 12.20 -32.80
N GLY A 60 -11.54 13.49 -32.89
CA GLY A 60 -12.91 13.96 -33.04
C GLY A 60 -13.46 13.67 -34.43
N ASN A 61 -14.76 13.96 -34.58
CA ASN A 61 -15.49 13.51 -35.77
C ASN A 61 -14.88 14.06 -37.05
N ASN A 62 -14.88 15.38 -37.21
CA ASN A 62 -14.33 15.98 -38.42
C ASN A 62 -12.89 15.55 -38.64
N THR A 63 -12.09 15.57 -37.58
CA THR A 63 -10.68 15.24 -37.69
C THR A 63 -10.50 13.79 -38.14
N TRP A 64 -11.24 12.88 -37.51
CA TRP A 64 -11.13 11.49 -37.91
C TRP A 64 -11.69 11.27 -39.30
N ARG A 65 -12.82 11.93 -39.63
CA ARG A 65 -13.38 11.78 -40.97
C ARG A 65 -12.37 12.13 -42.05
N ALA A 66 -11.58 13.18 -41.84
CA ALA A 66 -10.52 13.51 -42.78
C ALA A 66 -9.45 12.42 -42.80
N LEU A 67 -8.99 12.00 -41.61
CA LEU A 67 -7.97 10.98 -41.54
C LEU A 67 -8.46 9.60 -41.97
N SER A 68 -9.78 9.35 -41.91
CA SER A 68 -10.28 7.98 -41.89
C SER A 68 -10.02 7.27 -43.22
N GLY A 69 -10.63 7.70 -44.33
CA GLY A 69 -11.50 8.85 -44.47
C GLY A 69 -12.40 8.74 -45.68
N GLY A 70 -13.71 8.64 -45.48
CA GLY A 70 -14.29 8.58 -44.15
C GLY A 70 -14.92 7.22 -43.88
N VAL A 71 -14.09 6.18 -43.90
CA VAL A 71 -14.56 4.81 -43.71
C VAL A 71 -14.61 4.50 -42.23
N GLY A 72 -15.65 3.78 -41.83
CA GLY A 72 -15.75 3.38 -40.44
C GLY A 72 -16.18 4.50 -39.51
N ALA A 73 -16.03 4.21 -38.21
CA ALA A 73 -16.46 5.10 -37.13
C ALA A 73 -17.89 5.58 -37.38
N GLU A 74 -18.76 4.62 -37.73
CA GLU A 74 -20.12 4.93 -38.15
C GLU A 74 -20.88 5.70 -37.09
N GLU A 75 -20.64 5.39 -35.82
CA GLU A 75 -21.34 6.06 -34.73
C GLU A 75 -20.65 7.34 -34.28
N LEU A 76 -19.43 7.60 -34.75
CA LEU A 76 -18.71 8.80 -34.35
C LEU A 76 -19.46 10.04 -34.81
N LYS A 77 -19.50 11.04 -33.93
CA LYS A 77 -20.15 12.32 -34.20
C LYS A 77 -19.69 13.32 -33.14
N ASP A 78 -19.87 14.60 -33.44
CA ASP A 78 -19.62 15.65 -32.46
C ASP A 78 -20.52 15.44 -31.24
N PHE A 79 -19.97 15.70 -30.07
CA PHE A 79 -20.76 15.58 -28.85
C PHE A 79 -21.85 16.66 -28.85
N PRO A 80 -23.12 16.30 -28.66
CA PRO A 80 -24.22 17.24 -28.97
C PRO A 80 -24.26 18.55 -28.18
N GLY A 81 -24.39 18.63 -26.84
CA GLY A 81 -24.63 17.59 -25.87
C GLY A 81 -26.09 17.56 -25.40
N TYR A 82 -26.37 17.84 -24.12
CA TYR A 82 -27.65 17.43 -23.56
C TYR A 82 -28.24 18.44 -22.59
N GLY A 83 -29.57 18.57 -22.63
CA GLY A 83 -30.31 19.24 -21.58
C GLY A 83 -30.40 20.75 -21.68
N LYS A 84 -30.26 21.31 -22.88
CA LYS A 84 -30.22 22.76 -23.07
C LYS A 84 -29.14 23.39 -22.20
N GLY A 85 -27.92 22.86 -22.30
CA GLY A 85 -26.81 23.33 -21.51
C GLY A 85 -26.57 22.56 -20.23
N LEU A 86 -27.44 21.62 -19.89
CA LEU A 86 -27.21 20.81 -18.70
C LEU A 86 -25.93 20.01 -18.80
N ALA A 87 -25.66 19.45 -19.99
CA ALA A 87 -24.36 18.85 -20.30
C ALA A 87 -23.78 19.64 -21.47
N PRO A 88 -22.90 20.59 -21.22
CA PRO A 88 -22.30 21.38 -22.30
C PRO A 88 -21.47 20.51 -23.22
N THR A 89 -21.20 21.03 -24.42
CA THR A 89 -20.35 20.34 -25.37
C THR A 89 -19.13 21.21 -25.68
N THR A 90 -17.94 20.61 -25.58
CA THR A 90 -16.68 21.23 -25.98
C THR A 90 -15.94 20.21 -26.84
N GLN A 91 -16.47 19.95 -28.03
CA GLN A 91 -15.86 18.97 -28.92
C GLN A 91 -14.56 19.52 -29.48
N PHE A 92 -13.46 18.84 -29.23
CA PHE A 92 -12.18 19.19 -29.82
C PHE A 92 -11.77 18.12 -30.82
N ASP A 93 -10.56 18.24 -31.35
CA ASP A 93 -10.08 17.38 -32.42
C ASP A 93 -9.26 16.20 -31.93
N VAL A 94 -8.43 16.39 -30.91
CA VAL A 94 -7.46 15.39 -30.49
C VAL A 94 -7.58 15.18 -28.98
N LEU A 95 -7.55 13.92 -28.57
CA LEU A 95 -7.56 13.54 -27.16
C LEU A 95 -6.41 12.59 -26.92
N ILE A 96 -5.55 12.92 -25.96
CA ILE A 96 -4.43 12.07 -25.58
C ILE A 96 -4.62 11.70 -24.12
N HIS A 97 -4.71 10.40 -23.85
CA HIS A 97 -4.94 9.88 -22.52
C HIS A 97 -3.75 9.01 -22.15
N ILE A 98 -3.06 9.38 -21.07
CA ILE A 98 -1.92 8.63 -20.55
C ILE A 98 -2.26 8.16 -19.15
N LEU A 99 -1.93 6.91 -18.83
CA LEU A 99 -2.19 6.39 -17.49
C LEU A 99 -1.15 5.35 -17.11
N SER A 100 -0.94 5.21 -15.81
CA SER A 100 0.02 4.27 -15.24
C SER A 100 -0.09 4.34 -13.72
N LEU A 101 0.89 3.75 -13.04
CA LEU A 101 0.97 3.79 -11.59
C LEU A 101 1.81 4.93 -11.07
N ARG A 102 2.35 5.78 -11.96
CA ARG A 102 3.37 6.74 -11.56
C ARG A 102 3.14 8.09 -12.22
N HIS A 103 3.10 9.14 -11.41
CA HIS A 103 2.99 10.50 -11.94
C HIS A 103 4.20 10.86 -12.78
N ASP A 104 5.40 10.53 -12.28
CA ASP A 104 6.62 10.95 -12.97
C ASP A 104 6.71 10.34 -14.35
N VAL A 105 6.35 9.06 -14.49
CA VAL A 105 6.33 8.42 -15.79
C VAL A 105 5.34 9.12 -16.72
N ASN A 106 4.12 9.37 -16.22
CA ASN A 106 3.09 9.99 -17.06
C ASN A 106 3.54 11.34 -17.58
N PHE A 107 4.19 12.15 -16.74
CA PHE A 107 4.64 13.45 -17.17
C PHE A 107 5.67 13.34 -18.29
N SER A 108 6.62 12.41 -18.16
CA SER A 108 7.59 12.22 -19.23
C SER A 108 6.89 11.82 -20.53
N VAL A 109 5.88 10.96 -20.45
CA VAL A 109 5.14 10.58 -21.64
C VAL A 109 4.38 11.78 -22.20
N ALA A 110 3.80 12.59 -21.32
CA ALA A 110 3.06 13.78 -21.76
C ALA A 110 3.98 14.77 -22.45
N GLN A 111 5.21 14.92 -21.95
CA GLN A 111 6.17 15.79 -22.61
C GLN A 111 6.61 15.23 -23.95
N ALA A 112 6.71 13.89 -24.05
CA ALA A 112 7.02 13.29 -25.35
C ALA A 112 5.90 13.54 -26.35
N ALA A 113 4.64 13.53 -25.88
CA ALA A 113 3.53 13.82 -26.78
C ALA A 113 3.54 15.26 -27.23
N MET A 114 3.88 16.19 -26.33
CA MET A 114 3.95 17.59 -26.72
C MET A 114 5.11 17.86 -27.66
N GLU A 115 6.16 17.04 -27.63
CA GLU A 115 7.22 17.19 -28.63
C GLU A 115 6.78 16.66 -30.00
N ALA A 116 5.98 15.59 -30.03
CA ALA A 116 5.54 15.03 -31.30
C ALA A 116 4.39 15.85 -31.91
N PHE A 117 3.48 16.34 -31.09
CA PHE A 117 2.27 17.02 -31.57
C PHE A 117 2.32 18.53 -31.42
N GLY A 118 3.41 19.09 -30.89
CA GLY A 118 3.39 20.47 -30.43
C GLY A 118 3.08 21.50 -31.52
N ASP A 119 3.39 21.18 -32.77
CA ASP A 119 3.20 22.14 -33.85
C ASP A 119 1.93 21.89 -34.65
N CYS A 120 1.18 20.82 -34.36
CA CYS A 120 -0.07 20.58 -35.08
C CYS A 120 -1.27 20.50 -34.15
N ILE A 121 -1.13 20.85 -32.88
CA ILE A 121 -2.25 20.87 -31.95
C ILE A 121 -2.19 22.14 -31.12
N GLU A 122 -3.37 22.55 -30.62
CA GLU A 122 -3.52 23.68 -29.72
C GLU A 122 -4.25 23.17 -28.50
N VAL A 123 -3.54 23.04 -27.39
CA VAL A 123 -4.10 22.42 -26.20
C VAL A 123 -5.16 23.31 -25.59
N LYS A 124 -6.33 22.73 -25.31
CA LYS A 124 -7.43 23.42 -24.66
C LYS A 124 -7.47 23.19 -23.16
N GLU A 125 -7.15 21.97 -22.70
CA GLU A 125 -6.95 21.72 -21.28
C GLU A 125 -6.12 20.47 -21.12
N GLU A 126 -5.30 20.46 -20.07
CA GLU A 126 -4.54 19.27 -19.67
C GLU A 126 -4.90 18.96 -18.23
N ILE A 127 -5.50 17.79 -18.01
CA ILE A 127 -6.04 17.41 -16.70
C ILE A 127 -5.19 16.28 -16.13
N HIS A 128 -4.79 16.43 -14.88
CA HIS A 128 -3.98 15.44 -14.17
C HIS A 128 -4.88 14.73 -13.17
N GLY A 129 -5.22 13.47 -13.47
CA GLY A 129 -6.07 12.69 -12.59
C GLY A 129 -5.24 11.89 -11.59
N PHE A 130 -5.82 11.67 -10.41
CA PHE A 130 -5.15 10.87 -9.39
C PHE A 130 -6.19 10.00 -8.69
N ARG A 131 -5.84 8.75 -8.43
CA ARG A 131 -6.69 7.92 -7.61
C ARG A 131 -6.67 8.43 -6.18
N TRP A 132 -7.84 8.59 -5.57
CA TRP A 132 -7.90 9.10 -4.22
C TRP A 132 -7.95 7.93 -3.22
N VAL A 133 -7.93 8.25 -1.92
CA VAL A 133 -7.88 7.23 -0.88
C VAL A 133 -9.08 6.29 -1.00
N GLU A 134 -8.80 4.99 -0.96
CA GLU A 134 -9.82 3.93 -1.00
C GLU A 134 -10.58 3.93 -2.32
N GLU A 135 -9.92 4.42 -3.37
CA GLU A 135 -10.48 4.52 -4.73
C GLU A 135 -11.80 5.28 -4.73
N ARG A 136 -11.98 6.20 -3.79
CA ARG A 136 -13.23 6.94 -3.71
C ARG A 136 -13.19 8.18 -4.60
N ASP A 137 -14.37 8.54 -5.11
CA ASP A 137 -14.60 9.87 -5.67
C ASP A 137 -14.45 10.90 -4.55
N LEU A 138 -14.11 12.13 -4.95
CA LEU A 138 -14.00 13.21 -3.96
C LEU A 138 -15.28 13.40 -3.16
N SER A 139 -16.41 12.90 -3.66
CA SER A 139 -17.63 12.86 -2.85
C SER A 139 -17.52 11.90 -1.67
N GLY A 140 -16.51 11.04 -1.66
CA GLY A 140 -16.39 10.03 -0.64
C GLY A 140 -17.03 8.70 -0.98
N PHE A 141 -17.65 8.57 -2.14
CA PHE A 141 -18.18 7.30 -2.61
C PHE A 141 -17.14 6.57 -3.46
N VAL A 142 -16.96 5.28 -3.19
CA VAL A 142 -16.08 4.47 -4.02
C VAL A 142 -16.53 4.56 -5.48
N ASP A 143 -15.58 4.74 -6.38
CA ASP A 143 -15.87 4.82 -7.82
C ASP A 143 -15.07 3.75 -8.54
N GLY A 144 -15.77 2.94 -9.35
CA GLY A 144 -15.15 1.90 -10.13
C GLY A 144 -15.65 0.49 -9.82
N THR A 145 -16.58 0.31 -8.88
CA THR A 145 -16.86 -1.02 -8.35
C THR A 145 -17.44 -1.94 -9.42
N GLU A 146 -18.48 -1.49 -10.12
CA GLU A 146 -19.10 -2.30 -11.16
C GLU A 146 -18.45 -2.10 -12.52
N ASN A 147 -17.30 -1.46 -12.57
CA ASN A 147 -16.51 -1.43 -13.79
C ASN A 147 -16.15 -2.86 -14.20
N PRO A 148 -16.25 -3.19 -15.49
CA PRO A 148 -15.86 -4.53 -15.93
C PRO A 148 -14.43 -4.88 -15.54
N ALA A 149 -14.23 -6.14 -15.16
CA ALA A 149 -12.91 -6.67 -14.83
C ALA A 149 -12.91 -8.15 -15.17
N GLY A 150 -11.79 -8.65 -15.69
CA GLY A 150 -10.62 -7.87 -16.00
C GLY A 150 -10.41 -7.88 -17.51
N GLU A 151 -9.26 -8.39 -17.96
CA GLU A 151 -8.83 -8.20 -19.34
C GLU A 151 -9.88 -8.70 -20.33
N GLU A 152 -10.30 -9.95 -20.19
CA GLU A 152 -11.22 -10.54 -21.16
C GLU A 152 -12.54 -9.78 -21.23
N THR A 153 -13.14 -9.50 -20.06
CA THR A 153 -14.41 -8.79 -20.04
C THR A 153 -14.25 -7.34 -20.51
N ARG A 154 -13.14 -6.69 -20.16
CA ARG A 154 -12.93 -5.32 -20.59
C ARG A 154 -12.75 -5.24 -22.10
N ARG A 155 -12.08 -6.23 -22.70
CA ARG A 155 -12.01 -6.32 -24.15
C ARG A 155 -13.41 -6.39 -24.75
N GLU A 156 -14.24 -7.31 -24.24
CA GLU A 156 -15.59 -7.50 -24.75
C GLU A 156 -16.39 -6.21 -24.72
N VAL A 157 -16.16 -5.37 -23.71
CA VAL A 157 -16.94 -4.15 -23.54
C VAL A 157 -16.38 -3.00 -24.38
N ALA A 158 -15.06 -2.84 -24.40
CA ALA A 158 -14.45 -1.59 -24.86
C ALA A 158 -13.84 -1.64 -26.25
N VAL A 159 -13.37 -2.81 -26.71
CA VAL A 159 -12.61 -2.90 -27.95
C VAL A 159 -13.50 -3.51 -29.03
N ILE A 160 -13.56 -2.85 -30.19
CA ILE A 160 -14.35 -3.35 -31.30
C ILE A 160 -13.77 -4.68 -31.79
N LYS A 161 -14.65 -5.63 -32.08
CA LYS A 161 -14.19 -6.98 -32.38
C LYS A 161 -13.99 -7.23 -33.86
N ASP A 162 -15.01 -7.00 -34.68
CA ASP A 162 -14.96 -7.31 -36.10
C ASP A 162 -15.02 -6.03 -36.94
N GLY A 163 -14.57 -6.16 -38.18
CA GLY A 163 -14.72 -5.10 -39.16
C GLY A 163 -13.46 -4.27 -39.35
N VAL A 164 -13.66 -3.15 -40.04
CA VAL A 164 -12.54 -2.25 -40.35
C VAL A 164 -12.08 -1.49 -39.12
N ASP A 165 -12.97 -1.31 -38.13
CA ASP A 165 -12.65 -0.61 -36.89
C ASP A 165 -12.22 -1.56 -35.78
N ALA A 166 -11.96 -2.82 -36.10
CA ALA A 166 -11.57 -3.79 -35.09
C ALA A 166 -10.27 -3.36 -34.42
N GLY A 167 -10.24 -3.46 -33.10
CA GLY A 167 -9.14 -2.94 -32.31
C GLY A 167 -9.33 -1.53 -31.78
N GLY A 168 -10.27 -0.77 -32.38
CA GLY A 168 -10.52 0.60 -31.96
C GLY A 168 -11.57 0.70 -30.87
N SER A 169 -11.88 1.94 -30.49
CA SER A 169 -12.81 2.19 -29.40
C SER A 169 -13.36 3.61 -29.50
N TYR A 170 -14.54 3.81 -28.95
CA TYR A 170 -15.15 5.13 -28.82
C TYR A 170 -14.90 5.66 -27.42
N VAL A 171 -14.61 6.96 -27.31
CA VAL A 171 -14.25 7.57 -26.03
C VAL A 171 -15.17 8.75 -25.75
N PHE A 172 -15.56 8.87 -24.49
CA PHE A 172 -16.27 10.05 -24.01
C PHE A 172 -15.51 10.61 -22.81
N VAL A 173 -15.16 11.89 -22.88
CA VAL A 173 -14.53 12.60 -21.76
C VAL A 173 -15.42 13.76 -21.36
N GLN A 174 -15.52 13.99 -20.05
CA GLN A 174 -16.45 14.98 -19.51
C GLN A 174 -15.95 15.37 -18.13
N ARG A 175 -15.46 16.60 -18.00
CA ARG A 175 -14.90 17.07 -16.74
C ARG A 175 -16.02 17.64 -15.88
N TRP A 176 -16.20 17.07 -14.69
CA TRP A 176 -17.18 17.54 -13.73
C TRP A 176 -16.50 18.37 -12.65
N GLU A 177 -17.27 19.28 -12.04
CA GLU A 177 -16.80 20.16 -10.98
C GLU A 177 -17.67 19.96 -9.75
N HIS A 178 -17.10 19.34 -8.70
CA HIS A 178 -17.85 19.06 -7.48
C HIS A 178 -17.98 20.31 -6.63
N ASN A 179 -19.20 20.57 -6.15
CA ASN A 179 -19.43 21.55 -5.10
C ASN A 179 -19.54 20.76 -3.80
N LEU A 180 -18.40 20.57 -3.13
CA LEU A 180 -18.36 19.76 -1.93
C LEU A 180 -19.03 20.43 -0.74
N LYS A 181 -19.14 21.76 -0.75
CA LYS A 181 -19.97 22.43 0.25
C LYS A 181 -21.43 22.02 0.10
N GLN A 182 -21.93 22.03 -1.13
CA GLN A 182 -23.30 21.62 -1.37
C GLN A 182 -23.51 20.14 -1.11
N LEU A 183 -22.50 19.31 -1.36
CA LEU A 183 -22.62 17.89 -1.05
C LEU A 183 -22.67 17.66 0.45
N ASN A 184 -21.73 18.25 1.19
CA ASN A 184 -21.70 18.05 2.64
C ASN A 184 -22.81 18.81 3.35
N ARG A 185 -23.66 19.52 2.57
CA ARG A 185 -25.00 19.90 3.00
C ARG A 185 -25.76 18.70 3.49
N MET A 186 -25.77 17.66 2.64
CA MET A 186 -26.68 16.54 2.73
C MET A 186 -26.22 15.55 3.79
N SER A 187 -27.20 14.90 4.42
CA SER A 187 -26.89 13.79 5.29
C SER A 187 -26.38 12.61 4.48
N VAL A 188 -25.75 11.67 5.19
CA VAL A 188 -25.22 10.47 4.54
C VAL A 188 -26.34 9.72 3.82
N HIS A 189 -27.48 9.55 4.49
CA HIS A 189 -28.60 8.87 3.86
C HIS A 189 -29.07 9.59 2.61
N ASP A 190 -29.05 10.93 2.62
CA ASP A 190 -29.41 11.70 1.43
C ASP A 190 -28.43 11.44 0.29
N GLN A 191 -27.13 11.41 0.60
CA GLN A 191 -26.14 11.13 -0.43
C GLN A 191 -26.30 9.72 -0.98
N GLU A 192 -26.57 8.76 -0.11
CA GLU A 192 -26.74 7.37 -0.56
C GLU A 192 -27.96 7.25 -1.46
N MET A 193 -29.04 7.96 -1.15
CA MET A 193 -30.20 7.96 -2.03
C MET A 193 -29.90 8.66 -3.35
N MET A 194 -28.94 9.59 -3.35
CA MET A 194 -28.49 10.25 -4.58
C MET A 194 -27.67 9.30 -5.45
N ILE A 195 -26.83 8.47 -4.86
CA ILE A 195 -25.93 7.62 -5.64
C ILE A 195 -26.59 6.29 -5.98
N GLY A 196 -27.17 5.62 -5.00
CA GLY A 196 -27.68 4.27 -5.16
C GLY A 196 -26.87 3.22 -4.45
N ARG A 197 -25.81 3.60 -3.77
CA ARG A 197 -24.98 2.70 -2.98
C ARG A 197 -24.75 3.31 -1.60
N THR A 198 -24.55 2.45 -0.60
CA THR A 198 -24.16 2.94 0.71
C THR A 198 -22.77 3.55 0.63
N LYS A 199 -22.55 4.61 1.43
CA LYS A 199 -21.34 5.41 1.27
C LYS A 199 -20.11 4.72 1.87
N GLU A 200 -20.17 4.37 3.15
CA GLU A 200 -19.03 3.75 3.82
C GLU A 200 -18.79 2.34 3.31
N ALA A 201 -19.82 1.50 3.29
CA ALA A 201 -19.67 0.10 2.95
C ALA A 201 -19.76 -0.19 1.45
N ASN A 202 -20.13 0.80 0.63
CA ASN A 202 -20.19 0.64 -0.82
C ASN A 202 -21.03 -0.57 -1.23
N GLU A 203 -22.18 -0.74 -0.58
CA GLU A 203 -23.12 -1.79 -0.92
C GLU A 203 -24.22 -1.22 -1.82
N GLU A 204 -24.54 -1.95 -2.90
CA GLU A 204 -25.56 -1.48 -3.82
C GLU A 204 -26.94 -1.53 -3.15
N ILE A 205 -27.59 -0.37 -3.08
CA ILE A 205 -28.96 -0.34 -2.57
C ILE A 205 -29.90 -0.90 -3.64
N ASP A 206 -30.87 -1.69 -3.20
CA ASP A 206 -31.71 -2.41 -4.14
C ASP A 206 -32.57 -1.46 -4.96
N GLY A 207 -32.68 -1.75 -6.27
CA GLY A 207 -33.54 -1.00 -7.15
C GLY A 207 -35.01 -1.17 -6.82
N ASP A 208 -35.42 -0.62 -5.68
CA ASP A 208 -36.79 -0.68 -5.16
C ASP A 208 -36.80 0.19 -3.92
N GLU A 209 -35.62 0.35 -3.32
CA GLU A 209 -35.39 1.17 -2.13
C GLU A 209 -34.65 2.45 -2.47
N ARG A 210 -34.58 2.82 -3.75
CA ARG A 210 -33.79 3.96 -4.15
C ARG A 210 -34.53 4.75 -5.23
N PRO A 211 -34.42 6.08 -5.21
CA PRO A 211 -35.19 6.89 -6.17
C PRO A 211 -34.76 6.59 -7.59
N GLU A 212 -35.70 6.80 -8.52
CA GLU A 212 -35.40 6.62 -9.94
C GLU A 212 -34.41 7.65 -10.45
N THR A 213 -34.22 8.76 -9.72
CA THR A 213 -33.20 9.74 -10.07
C THR A 213 -31.82 9.36 -9.56
N SER A 214 -31.71 8.27 -8.79
CA SER A 214 -30.41 7.86 -8.31
C SER A 214 -29.50 7.57 -9.50
N HIS A 215 -28.21 7.83 -9.28
CA HIS A 215 -27.24 7.68 -10.36
C HIS A 215 -27.26 6.28 -10.93
N LEU A 216 -27.24 5.25 -10.07
CA LEU A 216 -27.24 3.88 -10.55
C LEU A 216 -28.47 3.59 -11.40
N THR A 217 -29.65 3.99 -10.95
CA THR A 217 -30.86 3.82 -11.76
C THR A 217 -30.74 4.54 -13.11
N ARG A 218 -30.10 5.71 -13.12
CA ARG A 218 -29.93 6.44 -14.38
C ARG A 218 -29.09 5.65 -15.37
N VAL A 219 -28.04 4.98 -14.89
CA VAL A 219 -26.99 4.44 -15.77
C VAL A 219 -26.95 2.92 -15.83
N ASP A 220 -27.74 2.22 -15.03
CA ASP A 220 -27.79 0.76 -15.13
C ASP A 220 -28.89 0.40 -16.12
N LEU A 221 -28.51 0.29 -17.39
CA LEU A 221 -29.45 0.16 -18.50
C LEU A 221 -29.26 -1.16 -19.22
N LYS A 222 -30.33 -1.64 -19.85
CA LYS A 222 -30.33 -2.95 -20.49
C LYS A 222 -30.88 -2.84 -21.90
N GLU A 223 -30.28 -3.60 -22.82
CA GLU A 223 -30.77 -3.72 -24.18
C GLU A 223 -30.77 -5.19 -24.59
N ASP A 224 -31.90 -5.67 -25.09
CA ASP A 224 -32.11 -7.10 -25.32
C ASP A 224 -31.78 -7.90 -24.06
N GLY A 225 -32.24 -7.40 -22.92
CA GLY A 225 -32.05 -8.10 -21.65
C GLY A 225 -30.61 -8.16 -21.19
N LYS A 226 -29.73 -7.41 -21.84
CA LYS A 226 -28.29 -7.44 -21.56
C LYS A 226 -27.82 -6.04 -21.22
N GLY A 227 -27.00 -5.93 -20.18
CA GLY A 227 -26.61 -4.62 -19.68
C GLY A 227 -25.77 -3.85 -20.69
N LEU A 228 -25.99 -2.54 -20.74
CA LEU A 228 -25.17 -1.65 -21.57
C LEU A 228 -23.96 -1.23 -20.75
N LYS A 229 -22.84 -1.92 -20.96
CA LYS A 229 -21.63 -1.74 -20.17
C LYS A 229 -20.65 -0.79 -20.84
N ILE A 230 -19.83 -0.12 -20.01
CA ILE A 230 -18.74 0.73 -20.46
C ILE A 230 -17.54 0.49 -19.57
N VAL A 231 -16.36 0.80 -20.10
CA VAL A 231 -15.12 0.73 -19.33
C VAL A 231 -14.76 2.16 -18.95
N ARG A 232 -14.99 2.52 -17.70
CA ARG A 232 -14.67 3.85 -17.21
C ARG A 232 -13.22 3.91 -16.76
N GLN A 233 -12.57 5.04 -17.03
CA GLN A 233 -11.21 5.31 -16.59
C GLN A 233 -11.15 6.64 -15.85
N SER A 234 -12.26 7.00 -15.21
CA SER A 234 -12.38 8.29 -14.55
C SER A 234 -11.50 8.37 -13.31
N LEU A 235 -11.01 9.58 -13.03
CA LEU A 235 -10.20 9.82 -11.84
C LEU A 235 -10.52 11.20 -11.27
N PRO A 236 -10.43 11.34 -9.95
CA PRO A 236 -10.42 12.69 -9.36
C PRO A 236 -9.36 13.57 -9.98
N TYR A 237 -9.60 14.87 -9.92
CA TYR A 237 -8.60 15.85 -10.34
C TYR A 237 -8.80 17.11 -9.54
N GLY A 238 -7.81 17.96 -9.58
CA GLY A 238 -7.96 19.33 -9.20
C GLY A 238 -7.26 19.66 -7.90
N THR A 239 -7.78 20.69 -7.27
CA THR A 239 -7.10 21.41 -6.21
C THR A 239 -8.02 21.43 -4.99
N ALA A 240 -7.42 21.39 -3.80
CA ALA A 240 -8.22 21.36 -2.58
C ALA A 240 -9.03 22.63 -2.40
N SER A 241 -8.41 23.80 -2.64
CA SER A 241 -9.00 25.10 -2.39
C SER A 241 -9.75 25.69 -3.59
N GLY A 242 -9.55 25.14 -4.77
CA GLY A 242 -10.17 25.65 -5.99
C GLY A 242 -10.94 24.54 -6.69
N THR A 243 -10.88 24.57 -8.02
CA THR A 243 -11.70 23.66 -8.83
C THR A 243 -11.25 22.22 -8.63
N HIS A 244 -12.20 21.35 -8.33
CA HIS A 244 -11.91 19.93 -8.18
C HIS A 244 -13.14 19.13 -8.53
N GLY A 245 -12.95 17.85 -8.81
CA GLY A 245 -14.08 16.97 -9.06
C GLY A 245 -13.70 15.66 -9.68
N LEU A 246 -14.44 15.23 -10.70
CA LEU A 246 -14.18 13.97 -11.39
C LEU A 246 -13.97 14.25 -12.86
N TYR A 247 -12.84 13.81 -13.40
CA TYR A 247 -12.67 13.77 -14.86
C TYR A 247 -13.28 12.44 -15.32
N PHE A 248 -14.46 12.50 -15.92
CA PHE A 248 -15.10 11.29 -16.40
C PHE A 248 -14.54 10.89 -17.76
N CYS A 249 -14.31 9.59 -17.92
CA CYS A 249 -13.69 9.05 -19.12
C CYS A 249 -14.14 7.61 -19.30
N ALA A 250 -14.66 7.27 -20.47
CA ALA A 250 -15.13 5.92 -20.72
C ALA A 250 -14.83 5.49 -22.14
N TYR A 251 -14.48 4.21 -22.28
CA TYR A 251 -14.24 3.55 -23.55
C TYR A 251 -15.34 2.51 -23.79
N CYS A 252 -15.75 2.34 -25.04
CA CYS A 252 -16.80 1.39 -25.32
C CYS A 252 -16.73 0.97 -26.79
N ALA A 253 -17.04 -0.30 -27.05
CA ALA A 253 -17.03 -0.77 -28.44
C ALA A 253 -18.08 -0.06 -29.27
N ARG A 254 -19.15 0.43 -28.63
CA ARG A 254 -20.20 1.18 -29.29
C ARG A 254 -20.42 2.48 -28.54
N LEU A 255 -20.33 3.61 -29.25
CA LEU A 255 -20.70 4.88 -28.64
C LEU A 255 -22.13 4.88 -28.13
N HIS A 256 -22.98 4.00 -28.69
CA HIS A 256 -24.39 3.92 -28.31
C HIS A 256 -24.59 3.65 -26.81
N ASN A 257 -23.72 2.85 -26.19
CA ASN A 257 -23.87 2.59 -24.77
C ASN A 257 -23.66 3.86 -23.95
N ILE A 258 -22.65 4.65 -24.31
CA ILE A 258 -22.43 5.90 -23.60
C ILE A 258 -23.59 6.86 -23.83
N GLU A 259 -24.04 6.99 -25.08
CA GLU A 259 -25.14 7.91 -25.39
C GLU A 259 -26.38 7.64 -24.54
N GLN A 260 -26.82 6.37 -24.49
CA GLN A 260 -28.05 6.05 -23.77
C GLN A 260 -27.94 6.44 -22.30
N GLN A 261 -26.80 6.15 -21.68
CA GLN A 261 -26.59 6.61 -20.32
C GLN A 261 -26.64 8.13 -20.24
N LEU A 262 -26.15 8.85 -21.26
CA LEU A 262 -26.24 10.29 -21.23
C LEU A 262 -27.69 10.75 -21.37
N LEU A 263 -28.42 10.18 -22.33
CA LEU A 263 -29.85 10.46 -22.49
C LEU A 263 -30.60 10.29 -21.17
N SER A 264 -30.23 9.26 -20.40
CA SER A 264 -30.97 8.96 -19.18
C SER A 264 -30.63 9.96 -18.08
N MET A 265 -29.33 10.18 -17.83
CA MET A 265 -28.90 11.12 -16.80
C MET A 265 -29.42 12.53 -17.03
N PHE A 266 -29.58 12.97 -18.28
CA PHE A 266 -29.81 14.39 -18.52
C PHE A 266 -31.23 14.71 -18.98
N GLY A 267 -32.20 13.84 -18.69
CA GLY A 267 -33.60 14.18 -18.81
C GLY A 267 -34.27 13.81 -20.13
N ASP A 268 -33.57 13.16 -21.04
CA ASP A 268 -34.12 12.88 -22.36
C ASP A 268 -34.80 11.51 -22.48
N THR A 269 -34.67 10.66 -21.47
CA THR A 269 -35.27 9.33 -21.48
C THR A 269 -36.50 9.20 -20.59
N ASP A 270 -36.45 9.73 -19.37
CA ASP A 270 -37.56 9.63 -18.43
C ASP A 270 -38.19 10.97 -18.07
N GLY A 271 -37.57 12.08 -18.46
CA GLY A 271 -37.93 13.37 -17.89
C GLY A 271 -37.15 13.59 -16.61
N LYS A 272 -36.76 12.47 -15.98
CA LYS A 272 -35.97 12.50 -14.76
C LYS A 272 -34.50 12.72 -15.09
N ARG A 273 -33.79 13.38 -14.18
CA ARG A 273 -32.37 13.64 -14.36
C ARG A 273 -31.60 13.11 -13.16
N ASP A 274 -30.28 13.04 -13.33
CA ASP A 274 -29.43 12.40 -12.34
C ASP A 274 -29.31 13.25 -11.08
N ALA A 275 -29.55 12.63 -9.93
CA ALA A 275 -29.56 13.36 -8.67
C ALA A 275 -28.20 13.96 -8.33
N MET A 276 -27.13 13.49 -8.95
CA MET A 276 -25.81 14.07 -8.67
C MET A 276 -25.70 15.51 -9.14
N LEU A 277 -26.56 15.95 -10.06
CA LEU A 277 -26.57 17.35 -10.44
C LEU A 277 -26.92 18.26 -9.26
N ARG A 278 -27.35 17.69 -8.14
CA ARG A 278 -27.57 18.49 -6.94
C ARG A 278 -26.27 19.03 -6.35
N PHE A 279 -25.11 18.44 -6.68
CA PHE A 279 -23.84 18.93 -6.15
C PHE A 279 -22.71 19.03 -7.15
N THR A 280 -22.79 18.40 -8.33
CA THR A 280 -21.71 18.46 -9.30
C THR A 280 -22.27 18.73 -10.70
N LYS A 281 -21.46 19.35 -11.54
CA LYS A 281 -21.87 19.75 -12.89
C LYS A 281 -20.79 19.45 -13.91
N PRO A 282 -21.16 18.94 -15.10
CA PRO A 282 -20.19 18.80 -16.18
C PRO A 282 -19.97 20.14 -16.89
N VAL A 283 -18.74 20.36 -17.36
CA VAL A 283 -18.38 21.65 -17.95
C VAL A 283 -17.63 21.45 -19.26
N THR A 284 -17.27 20.21 -19.57
CA THR A 284 -16.66 19.87 -20.84
C THR A 284 -17.33 18.59 -21.35
N GLY A 285 -17.18 18.33 -22.64
CA GLY A 285 -17.73 17.12 -23.23
C GLY A 285 -17.28 16.89 -24.65
N GLY A 286 -16.75 15.70 -24.94
CA GLY A 286 -16.37 15.36 -26.29
C GLY A 286 -16.37 13.87 -26.60
N TYR A 287 -16.71 13.51 -27.84
CA TYR A 287 -16.57 12.15 -28.33
C TYR A 287 -15.29 12.05 -29.16
N TYR A 288 -14.62 10.90 -29.05
CA TYR A 288 -13.41 10.67 -29.82
C TYR A 288 -13.38 9.21 -30.22
N PHE A 289 -12.78 8.94 -31.38
CA PHE A 289 -12.57 7.57 -31.82
C PHE A 289 -11.09 7.25 -31.70
N ALA A 290 -10.78 6.25 -30.87
CA ALA A 290 -9.41 5.77 -30.70
C ALA A 290 -9.19 4.60 -31.64
N PRO A 291 -8.42 4.75 -32.70
CA PRO A 291 -8.16 3.62 -33.60
C PRO A 291 -7.33 2.56 -32.91
N SER A 292 -7.18 1.43 -33.60
CA SER A 292 -6.22 0.43 -33.16
C SER A 292 -4.80 0.98 -33.27
N LEU A 293 -3.88 0.41 -32.47
CA LEU A 293 -2.50 0.86 -32.50
C LEU A 293 -1.88 0.69 -33.88
N ASP A 294 -2.25 -0.37 -34.60
CA ASP A 294 -1.69 -0.56 -35.94
C ASP A 294 -2.27 0.44 -36.93
N LYS A 295 -3.60 0.61 -36.95
CA LYS A 295 -4.20 1.57 -37.88
C LYS A 295 -3.80 3.01 -37.55
N LEU A 296 -3.25 3.25 -36.37
CA LEU A 296 -2.62 4.52 -36.03
C LEU A 296 -1.32 4.74 -36.81
N MET A 297 -1.03 3.83 -37.75
CA MET A 297 0.17 3.87 -38.57
C MET A 297 1.42 3.84 -37.68
N ALA A 298 1.33 3.10 -36.58
CA ALA A 298 2.37 3.16 -35.56
C ALA A 298 2.45 1.88 -34.74
N GLN B 3 30.30 -7.93 6.60
CA GLN B 3 30.69 -7.84 8.01
C GLN B 3 29.51 -8.14 8.92
N VAL B 4 28.55 -7.22 8.99
CA VAL B 4 27.38 -7.42 9.85
C VAL B 4 26.41 -8.38 9.19
N GLN B 5 25.80 -9.24 10.00
CA GLN B 5 24.75 -10.11 9.49
C GLN B 5 23.57 -9.29 8.99
N SER B 6 22.92 -9.79 7.95
CA SER B 6 21.98 -9.02 7.14
C SER B 6 20.63 -8.78 7.80
N GLY B 7 20.34 -9.42 8.92
CA GLY B 7 19.02 -9.33 9.54
C GLY B 7 18.84 -8.29 10.62
N ILE B 8 19.91 -7.60 11.03
CA ILE B 8 19.86 -6.68 12.16
C ILE B 8 19.26 -5.33 11.77
N LEU B 9 19.76 -4.75 10.67
CA LEU B 9 19.50 -3.35 10.31
C LEU B 9 18.28 -3.07 9.45
N PRO B 10 17.79 -3.99 8.60
CA PRO B 10 16.65 -3.66 7.73
C PRO B 10 15.44 -3.18 8.51
N GLU B 11 14.77 -2.16 7.95
CA GLU B 11 13.59 -1.54 8.54
C GLU B 11 12.34 -1.92 7.76
N HIS B 12 11.19 -1.75 8.42
CA HIS B 12 9.88 -1.84 7.78
C HIS B 12 9.58 -3.24 7.25
N CYS B 13 10.19 -4.26 7.83
CA CYS B 13 9.84 -5.62 7.42
C CYS B 13 8.35 -5.86 7.68
N ARG B 14 7.75 -6.68 6.82
CA ARG B 14 6.34 -7.02 6.97
C ARG B 14 6.13 -8.39 7.60
N ALA B 15 7.15 -9.24 7.60
CA ALA B 15 7.03 -10.57 8.18
C ALA B 15 8.40 -11.03 8.65
N ALA B 16 8.39 -11.91 9.65
CA ALA B 16 9.61 -12.46 10.21
C ALA B 16 9.33 -13.84 10.76
N ILE B 17 10.38 -14.66 10.83
CA ILE B 17 10.34 -15.97 11.46
C ILE B 17 11.45 -16.04 12.50
N TRP B 18 11.09 -16.38 13.74
CA TRP B 18 12.06 -16.64 14.80
C TRP B 18 12.04 -18.12 15.15
N ILE B 19 13.22 -18.74 15.15
CA ILE B 19 13.39 -20.14 15.53
C ILE B 19 14.33 -20.17 16.72
N GLU B 20 13.85 -20.71 17.85
CA GLU B 20 14.65 -20.90 19.04
C GLU B 20 14.87 -22.40 19.24
N ALA B 21 16.09 -22.79 19.58
CA ALA B 21 16.41 -24.22 19.63
C ALA B 21 17.59 -24.47 20.57
N ASN B 22 17.65 -25.69 21.09
CA ASN B 22 18.83 -26.15 21.79
C ASN B 22 19.70 -26.98 20.86
N VAL B 23 20.99 -27.06 21.21
CA VAL B 23 21.91 -27.88 20.45
C VAL B 23 21.53 -29.35 20.61
N LYS B 24 21.40 -30.04 19.47
CA LYS B 24 21.14 -31.47 19.44
C LYS B 24 22.45 -32.18 19.11
N GLY B 25 23.02 -32.86 20.10
CA GLY B 25 24.30 -33.51 19.89
C GLY B 25 25.46 -32.61 20.28
N GLU B 26 26.53 -32.62 19.48
CA GLU B 26 27.71 -31.85 19.80
C GLU B 26 27.66 -30.45 19.21
N VAL B 27 28.32 -29.50 19.88
CA VAL B 27 28.25 -28.10 19.50
C VAL B 27 29.02 -27.84 18.22
N ASP B 28 30.10 -28.59 17.97
CA ASP B 28 30.94 -28.32 16.81
C ASP B 28 30.20 -28.50 15.49
N ALA B 29 29.06 -29.21 15.49
CA ALA B 29 28.28 -29.34 14.27
C ALA B 29 27.69 -28.02 13.79
N LEU B 30 27.58 -27.03 14.69
CA LEU B 30 26.98 -25.75 14.33
C LEU B 30 27.81 -24.99 13.30
N ARG B 31 29.13 -25.21 13.27
CA ARG B 31 30.02 -24.42 12.44
C ARG B 31 29.76 -24.66 10.95
N ALA B 32 29.72 -25.93 10.55
CA ALA B 32 29.38 -26.24 9.17
C ALA B 32 27.97 -25.82 8.84
N ALA B 33 27.04 -26.02 9.77
CA ALA B 33 25.66 -25.62 9.53
C ALA B 33 25.54 -24.11 9.38
N SER B 34 26.28 -23.34 10.17
CA SER B 34 26.23 -21.90 10.07
C SER B 34 26.83 -21.43 8.75
N LYS B 35 27.86 -22.11 8.27
CA LYS B 35 28.42 -21.78 6.95
C LYS B 35 27.45 -22.15 5.83
N THR B 36 26.85 -23.35 5.92
CA THR B 36 25.97 -23.80 4.85
C THR B 36 24.72 -22.93 4.75
N PHE B 37 24.18 -22.49 5.88
CA PHE B 37 22.97 -21.66 5.84
C PHE B 37 23.27 -20.27 5.29
N ALA B 38 24.37 -19.65 5.72
CA ALA B 38 24.63 -18.28 5.31
C ALA B 38 24.94 -18.20 3.81
N ASP B 39 25.43 -19.28 3.21
CA ASP B 39 25.61 -19.31 1.76
C ASP B 39 24.27 -19.36 1.05
N LYS B 40 23.38 -20.26 1.48
CA LYS B 40 22.04 -20.31 0.92
C LYS B 40 21.30 -18.99 1.15
N LEU B 41 21.47 -18.41 2.33
CA LEU B 41 20.88 -17.09 2.60
C LEU B 41 21.34 -16.07 1.57
N ALA B 42 22.63 -16.08 1.25
CA ALA B 42 23.15 -15.15 0.24
C ALA B 42 22.52 -15.40 -1.12
N THR B 43 22.26 -16.68 -1.44
CA THR B 43 21.61 -17.00 -2.71
C THR B 43 20.15 -16.55 -2.72
N PHE B 44 19.50 -16.56 -1.56
CA PHE B 44 18.12 -16.08 -1.49
C PHE B 44 18.05 -14.56 -1.61
N GLU B 45 19.02 -13.85 -1.02
CA GLU B 45 19.02 -12.40 -1.13
C GLU B 45 19.26 -11.96 -2.57
N ALA B 46 20.09 -12.70 -3.31
CA ALA B 46 20.35 -12.35 -4.69
C ALA B 46 19.15 -12.64 -5.57
N LYS B 47 18.46 -13.76 -5.33
CA LYS B 47 17.30 -14.09 -6.15
C LYS B 47 16.12 -13.18 -5.85
N PHE B 48 15.95 -12.78 -4.59
CA PHE B 48 14.85 -11.90 -4.23
C PHE B 48 15.40 -10.55 -3.76
N PRO B 49 15.96 -9.72 -4.65
CA PRO B 49 16.64 -8.51 -4.19
C PRO B 49 15.71 -7.41 -3.74
N ASP B 50 14.44 -7.45 -4.14
CA ASP B 50 13.48 -6.42 -3.78
C ASP B 50 12.65 -6.79 -2.54
N ALA B 51 12.94 -7.94 -1.91
CA ALA B 51 12.20 -8.38 -0.74
C ALA B 51 12.76 -7.84 0.58
N HIS B 52 13.90 -7.15 0.55
CA HIS B 52 14.57 -6.66 1.75
C HIS B 52 14.83 -7.79 2.74
N LEU B 53 15.35 -8.90 2.22
CA LEU B 53 15.55 -10.11 2.99
C LEU B 53 16.80 -10.01 3.84
N GLY B 54 16.69 -10.44 5.10
CA GLY B 54 17.86 -10.55 5.96
C GLY B 54 17.66 -11.63 6.99
N ALA B 55 18.76 -12.08 7.58
CA ALA B 55 18.69 -13.09 8.63
C ALA B 55 19.89 -12.98 9.54
N VAL B 56 19.75 -13.53 10.75
CA VAL B 56 20.84 -13.54 11.73
C VAL B 56 20.77 -14.84 12.51
N VAL B 57 21.95 -15.41 12.78
CA VAL B 57 22.13 -16.56 13.65
C VAL B 57 22.87 -16.08 14.88
N ALA B 58 22.30 -16.34 16.05
CA ALA B 58 22.87 -15.91 17.32
C ALA B 58 22.85 -17.09 18.29
N PHE B 59 23.72 -17.02 19.30
CA PHE B 59 23.98 -18.16 20.16
C PHE B 59 23.86 -17.79 21.63
N GLY B 60 23.37 -18.75 22.43
CA GLY B 60 23.30 -18.59 23.86
C GLY B 60 24.68 -18.60 24.51
N ASN B 61 24.69 -18.28 25.81
CA ASN B 61 25.94 -18.06 26.55
C ASN B 61 26.88 -19.25 26.44
N ASN B 62 26.49 -20.38 27.04
CA ASN B 62 27.33 -21.58 27.01
C ASN B 62 27.68 -21.98 25.58
N THR B 63 26.69 -21.94 24.69
CA THR B 63 26.92 -22.36 23.31
C THR B 63 27.94 -21.45 22.62
N TRP B 64 27.79 -20.14 22.78
CA TRP B 64 28.77 -19.25 22.17
C TRP B 64 30.12 -19.37 22.87
N ARG B 65 30.12 -19.50 24.21
CA ARG B 65 31.37 -19.68 24.94
C ARG B 65 32.17 -20.86 24.39
N ALA B 66 31.48 -21.93 24.01
CA ALA B 66 32.15 -23.06 23.38
C ALA B 66 32.70 -22.66 22.01
N LEU B 67 31.83 -22.20 21.11
CA LEU B 67 32.29 -21.87 19.77
C LEU B 67 33.23 -20.67 19.72
N SER B 68 33.31 -19.85 20.78
CA SER B 68 33.97 -18.56 20.65
C SER B 68 35.48 -18.71 20.41
N GLY B 69 36.22 -19.33 21.33
CA GLY B 69 35.79 -19.89 22.61
C GLY B 69 36.93 -19.83 23.61
N GLY B 70 36.80 -18.98 24.64
CA GLY B 70 35.64 -18.12 24.80
C GLY B 70 36.04 -16.65 24.86
N VAL B 71 36.51 -16.14 23.73
CA VAL B 71 36.93 -14.75 23.62
C VAL B 71 35.72 -13.84 23.45
N GLY B 72 35.80 -12.65 24.01
CA GLY B 72 34.79 -11.63 23.86
C GLY B 72 33.45 -12.00 24.46
N ALA B 73 32.42 -11.31 23.97
CA ALA B 73 31.05 -11.47 24.46
C ALA B 73 31.00 -11.36 25.98
N GLU B 74 31.73 -10.38 26.52
CA GLU B 74 31.93 -10.28 27.96
C GLU B 74 30.63 -9.97 28.69
N GLU B 75 29.70 -9.30 28.04
CA GLU B 75 28.38 -9.06 28.63
C GLU B 75 27.41 -10.19 28.36
N LEU B 76 27.81 -11.20 27.57
CA LEU B 76 26.91 -12.32 27.28
C LEU B 76 26.74 -13.18 28.52
N LYS B 77 25.49 -13.50 28.82
CA LYS B 77 25.16 -14.40 29.92
C LYS B 77 23.82 -15.02 29.62
N ASP B 78 23.53 -16.13 30.30
CA ASP B 78 22.19 -16.70 30.28
C ASP B 78 21.19 -15.65 30.74
N PHE B 79 20.04 -15.61 30.08
CA PHE B 79 18.99 -14.71 30.54
C PHE B 79 18.48 -15.21 31.89
N PRO B 80 18.58 -14.43 32.96
CA PRO B 80 17.95 -14.79 34.22
C PRO B 80 16.52 -14.27 34.23
N GLY B 81 15.78 -14.68 35.25
CA GLY B 81 14.43 -14.18 35.38
C GLY B 81 14.43 -12.74 35.84
N TYR B 82 13.22 -12.18 35.92
CA TYR B 82 13.03 -10.92 36.62
C TYR B 82 11.74 -10.99 37.40
N GLY B 83 11.76 -10.44 38.62
CA GLY B 83 10.55 -10.33 39.41
C GLY B 83 10.03 -11.65 39.95
N LYS B 84 10.92 -12.62 40.16
CA LYS B 84 10.58 -13.94 40.70
C LYS B 84 9.49 -14.60 39.86
N GLY B 85 9.80 -14.82 38.58
CA GLY B 85 8.86 -15.38 37.64
C GLY B 85 8.09 -14.36 36.84
N LEU B 86 8.16 -13.08 37.21
CA LEU B 86 7.45 -12.05 36.45
C LEU B 86 7.90 -12.03 35.00
N ALA B 87 9.20 -12.19 34.77
CA ALA B 87 9.76 -12.41 33.44
C ALA B 87 10.43 -13.77 33.44
N PRO B 88 9.76 -14.82 32.98
CA PRO B 88 10.38 -16.16 33.01
C PRO B 88 11.61 -16.21 32.11
N THR B 89 12.46 -17.20 32.35
CA THR B 89 13.64 -17.42 31.53
C THR B 89 13.50 -18.74 30.77
N THR B 90 13.67 -18.67 29.46
CA THR B 90 13.69 -19.85 28.59
C THR B 90 14.91 -19.74 27.67
N GLN B 91 16.09 -19.77 28.30
CA GLN B 91 17.34 -19.59 27.56
C GLN B 91 17.64 -20.83 26.73
N PHE B 92 17.84 -20.63 25.44
CA PHE B 92 18.20 -21.73 24.56
C PHE B 92 19.59 -21.48 23.97
N ASP B 93 19.98 -22.36 23.07
CA ASP B 93 21.33 -22.35 22.52
C ASP B 93 21.44 -21.55 21.24
N VAL B 94 20.44 -21.64 20.36
CA VAL B 94 20.50 -21.07 19.02
C VAL B 94 19.23 -20.26 18.77
N LEU B 95 19.41 -19.07 18.21
CA LEU B 95 18.31 -18.23 17.77
C LEU B 95 18.51 -17.91 16.30
N ILE B 96 17.51 -18.20 15.48
CA ILE B 96 17.54 -17.88 14.06
C ILE B 96 16.41 -16.91 13.79
N HIS B 97 16.75 -15.74 13.25
CA HIS B 97 15.81 -14.65 12.99
C HIS B 97 15.86 -14.33 11.51
N ILE B 98 14.72 -14.48 10.84
CA ILE B 98 14.60 -14.22 9.41
C ILE B 98 13.53 -13.13 9.24
N LEU B 99 13.77 -12.19 8.34
CA LEU B 99 12.79 -11.14 8.14
C LEU B 99 12.91 -10.56 6.75
N SER B 100 11.79 -10.07 6.22
CA SER B 100 11.73 -9.46 4.89
C SER B 100 10.34 -8.85 4.71
N LEU B 101 10.05 -8.41 3.49
CA LEU B 101 8.71 -7.96 3.12
C LEU B 101 7.78 -9.10 2.75
N ARG B 102 8.29 -10.31 2.58
CA ARG B 102 7.49 -11.38 1.98
C ARG B 102 7.42 -12.61 2.87
N HIS B 103 6.20 -13.10 3.08
CA HIS B 103 5.99 -14.33 3.85
C HIS B 103 6.53 -15.55 3.12
N ASP B 104 6.31 -15.62 1.82
CA ASP B 104 6.73 -16.82 1.08
C ASP B 104 8.26 -16.93 1.03
N VAL B 105 8.95 -15.80 0.86
CA VAL B 105 10.41 -15.81 0.84
C VAL B 105 10.97 -16.25 2.19
N ASN B 106 10.40 -15.75 3.28
CA ASN B 106 10.89 -16.11 4.61
C ASN B 106 10.79 -17.61 4.86
N PHE B 107 9.67 -18.22 4.45
CA PHE B 107 9.49 -19.65 4.70
C PHE B 107 10.51 -20.47 3.95
N SER B 108 10.86 -20.07 2.72
CA SER B 108 11.91 -20.77 1.98
C SER B 108 13.24 -20.68 2.70
N VAL B 109 13.54 -19.49 3.25
CA VAL B 109 14.76 -19.32 4.03
C VAL B 109 14.68 -20.14 5.31
N ALA B 110 13.50 -20.20 5.93
CA ALA B 110 13.34 -21.02 7.13
C ALA B 110 13.55 -22.49 6.83
N GLN B 111 13.08 -22.96 5.67
CA GLN B 111 13.30 -24.35 5.29
C GLN B 111 14.77 -24.61 5.02
N ALA B 112 15.47 -23.65 4.42
CA ALA B 112 16.91 -23.80 4.24
C ALA B 112 17.64 -23.87 5.57
N ALA B 113 17.16 -23.12 6.58
CA ALA B 113 17.79 -23.17 7.89
C ALA B 113 17.59 -24.54 8.55
N MET B 114 16.41 -25.14 8.34
CA MET B 114 16.19 -26.48 8.87
C MET B 114 16.99 -27.53 8.10
N GLU B 115 17.22 -27.32 6.81
CA GLU B 115 18.07 -28.23 6.04
C GLU B 115 19.48 -28.28 6.62
N ALA B 116 20.04 -27.10 6.96
CA ALA B 116 21.42 -27.04 7.42
C ALA B 116 21.55 -27.38 8.90
N PHE B 117 20.61 -26.95 9.73
CA PHE B 117 20.71 -27.14 11.17
C PHE B 117 19.89 -28.32 11.69
N GLY B 118 19.07 -28.95 10.86
CA GLY B 118 18.07 -29.90 11.33
C GLY B 118 18.62 -31.08 12.10
N ASP B 119 19.89 -31.40 11.92
CA ASP B 119 20.50 -32.54 12.59
C ASP B 119 21.32 -32.15 13.82
N CYS B 120 21.48 -30.86 14.11
CA CYS B 120 22.21 -30.44 15.30
C CYS B 120 21.43 -29.47 16.18
N ILE B 121 20.14 -29.26 15.91
CA ILE B 121 19.29 -28.43 16.76
C ILE B 121 17.98 -29.15 17.01
N GLU B 122 17.34 -28.79 18.13
CA GLU B 122 16.04 -29.29 18.53
C GLU B 122 15.18 -28.07 18.78
N VAL B 123 14.26 -27.78 17.86
CA VAL B 123 13.50 -26.53 17.89
C VAL B 123 12.58 -26.52 19.09
N LYS B 124 12.57 -25.40 19.81
CA LYS B 124 11.69 -25.20 20.96
C LYS B 124 10.44 -24.41 20.61
N GLU B 125 10.56 -23.40 19.75
CA GLU B 125 9.39 -22.74 19.20
C GLU B 125 9.81 -22.03 17.91
N GLU B 126 8.90 -22.00 16.94
CA GLU B 126 9.07 -21.23 15.72
C GLU B 126 7.92 -20.24 15.61
N ILE B 127 8.23 -18.95 15.64
CA ILE B 127 7.22 -17.89 15.71
C ILE B 127 7.23 -17.11 14.40
N HIS B 128 6.04 -16.82 13.89
CA HIS B 128 5.86 -16.13 12.62
C HIS B 128 5.26 -14.76 12.90
N GLY B 129 6.09 -13.73 12.85
CA GLY B 129 5.63 -12.38 13.11
C GLY B 129 5.10 -11.72 11.84
N PHE B 130 4.07 -10.89 12.01
CA PHE B 130 3.56 -10.10 10.90
C PHE B 130 3.37 -8.67 11.35
N ARG B 131 3.67 -7.72 10.47
CA ARG B 131 3.31 -6.34 10.75
C ARG B 131 1.80 -6.22 10.65
N TRP B 132 1.18 -5.58 11.63
CA TRP B 132 -0.26 -5.42 11.57
C TRP B 132 -0.63 -4.09 10.91
N VAL B 133 -1.93 -3.86 10.71
CA VAL B 133 -2.40 -2.64 10.06
C VAL B 133 -1.87 -1.42 10.81
N GLU B 134 -1.38 -0.43 10.06
CA GLU B 134 -0.88 0.83 10.62
C GLU B 134 0.29 0.62 11.56
N GLU B 135 1.03 -0.48 11.38
CA GLU B 135 2.19 -0.82 12.20
C GLU B 135 1.84 -0.88 13.69
N ARG B 136 0.60 -1.22 14.00
CA ARG B 136 0.15 -1.21 15.39
C ARG B 136 0.36 -2.58 16.03
N ASP B 137 0.73 -2.56 17.31
CA ASP B 137 0.63 -3.74 18.15
C ASP B 137 -0.83 -4.18 18.21
N LEU B 138 -1.05 -5.47 18.49
CA LEU B 138 -2.41 -5.98 18.59
C LEU B 138 -3.23 -5.23 19.64
N SER B 139 -2.59 -4.54 20.57
CA SER B 139 -3.33 -3.68 21.50
C SER B 139 -3.93 -2.46 20.82
N GLY B 140 -3.52 -2.13 19.60
CA GLY B 140 -4.01 -0.96 18.91
C GLY B 140 -3.12 0.25 19.00
N PHE B 141 -2.00 0.16 19.72
CA PHE B 141 -1.01 1.22 19.81
C PHE B 141 0.06 1.00 18.76
N VAL B 142 0.42 2.08 18.04
CA VAL B 142 1.51 2.01 17.09
C VAL B 142 2.79 1.57 17.80
N ASP B 143 3.48 0.59 17.22
CA ASP B 143 4.73 0.10 17.79
C ASP B 143 5.86 0.28 16.78
N GLY B 144 6.92 0.96 17.22
CA GLY B 144 8.11 1.19 16.42
C GLY B 144 8.49 2.65 16.24
N THR B 145 7.74 3.60 16.80
CA THR B 145 7.85 5.00 16.39
C THR B 145 9.20 5.61 16.75
N GLU B 146 9.65 5.43 17.99
CA GLU B 146 10.94 5.96 18.44
C GLU B 146 12.07 4.97 18.22
N ASN B 147 11.86 3.94 17.41
CA ASN B 147 12.94 3.06 17.02
C ASN B 147 14.00 3.86 16.25
N PRO B 148 15.28 3.58 16.45
CA PRO B 148 16.32 4.25 15.66
C PRO B 148 16.09 4.07 14.17
N ALA B 149 16.39 5.13 13.42
CA ALA B 149 16.31 5.16 11.97
C ALA B 149 17.24 6.27 11.49
N GLY B 150 17.86 6.07 10.33
CA GLY B 150 17.80 4.84 9.58
C GLY B 150 19.10 4.09 9.76
N GLU B 151 19.77 3.77 8.63
CA GLU B 151 20.88 2.81 8.67
C GLU B 151 22.01 3.28 9.58
N GLU B 152 22.45 4.54 9.44
CA GLU B 152 23.64 4.97 10.18
C GLU B 152 23.36 5.01 11.68
N THR B 153 22.15 5.39 12.08
CA THR B 153 21.82 5.45 13.50
C THR B 153 21.58 4.05 14.06
N ARG B 154 20.94 3.18 13.28
CA ARG B 154 20.68 1.82 13.75
C ARG B 154 21.98 1.06 13.95
N ARG B 155 22.97 1.27 13.07
CA ARG B 155 24.27 0.64 13.28
C ARG B 155 24.96 1.20 14.52
N GLU B 156 24.89 2.52 14.71
CA GLU B 156 25.43 3.14 15.93
C GLU B 156 24.85 2.51 17.18
N VAL B 157 23.59 2.07 17.12
CA VAL B 157 22.91 1.49 18.28
C VAL B 157 23.16 -0.02 18.38
N ALA B 158 23.07 -0.74 17.27
CA ALA B 158 22.97 -2.20 17.29
C ALA B 158 24.26 -2.93 16.98
N VAL B 159 25.13 -2.36 16.14
CA VAL B 159 26.32 -3.07 15.66
C VAL B 159 27.52 -2.66 16.51
N ILE B 160 28.24 -3.65 17.02
CA ILE B 160 29.44 -3.36 17.80
C ILE B 160 30.46 -2.67 16.92
N LYS B 161 31.08 -1.61 17.45
CA LYS B 161 31.97 -0.75 16.67
C LYS B 161 33.41 -1.27 16.65
N ASP B 162 34.02 -1.43 17.82
CA ASP B 162 35.43 -1.73 17.93
C ASP B 162 35.65 -3.12 18.49
N GLY B 163 36.83 -3.67 18.23
CA GLY B 163 37.35 -4.81 18.96
C GLY B 163 37.12 -6.14 18.28
N VAL B 164 37.19 -7.19 19.10
CA VAL B 164 37.11 -8.55 18.61
C VAL B 164 35.70 -8.89 18.14
N ASP B 165 34.68 -8.30 18.74
CA ASP B 165 33.28 -8.54 18.39
C ASP B 165 32.75 -7.55 17.37
N ALA B 166 33.63 -6.85 16.66
CA ALA B 166 33.18 -5.85 15.69
C ALA B 166 32.29 -6.50 14.64
N GLY B 167 31.13 -5.87 14.39
CA GLY B 167 30.14 -6.41 13.50
C GLY B 167 29.07 -7.26 14.17
N GLY B 168 29.32 -7.73 15.39
CA GLY B 168 28.37 -8.52 16.14
C GLY B 168 27.34 -7.66 16.86
N SER B 169 26.49 -8.33 17.63
CA SER B 169 25.40 -7.66 18.32
C SER B 169 24.82 -8.57 19.39
N TYR B 170 24.24 -7.94 20.42
CA TYR B 170 23.51 -8.66 21.45
C TYR B 170 22.02 -8.67 21.11
N VAL B 171 21.37 -9.81 21.35
CA VAL B 171 19.97 -10.03 21.00
C VAL B 171 19.19 -10.45 22.24
N PHE B 172 17.96 -9.96 22.35
CA PHE B 172 17.05 -10.42 23.39
C PHE B 172 15.68 -10.66 22.78
N VAL B 173 15.13 -11.84 23.03
CA VAL B 173 13.83 -12.24 22.49
C VAL B 173 12.93 -12.64 23.64
N GLN B 174 11.65 -12.28 23.54
CA GLN B 174 10.73 -12.45 24.65
C GLN B 174 9.32 -12.46 24.08
N ARG B 175 8.66 -13.61 24.12
CA ARG B 175 7.33 -13.75 23.54
C ARG B 175 6.31 -13.33 24.59
N TRP B 176 5.51 -12.32 24.25
CA TRP B 176 4.44 -11.83 25.11
C TRP B 176 3.10 -12.37 24.63
N GLU B 177 2.20 -12.62 25.57
CA GLU B 177 0.85 -13.08 25.27
C GLU B 177 -0.12 -11.98 25.73
N HIS B 178 -0.83 -11.38 24.79
CA HIS B 178 -1.81 -10.35 25.10
C HIS B 178 -3.14 -10.98 25.52
N ASN B 179 -3.73 -10.42 26.57
CA ASN B 179 -5.11 -10.74 26.95
C ASN B 179 -5.93 -9.53 26.52
N LEU B 180 -6.53 -9.61 25.34
CA LEU B 180 -7.21 -8.45 24.77
C LEU B 180 -8.54 -8.17 25.46
N LYS B 181 -9.15 -9.18 26.08
CA LYS B 181 -10.35 -8.92 26.89
C LYS B 181 -10.02 -8.04 28.08
N GLN B 182 -8.94 -8.36 28.79
CA GLN B 182 -8.53 -7.53 29.91
C GLN B 182 -8.09 -6.15 29.46
N LEU B 183 -7.48 -6.04 28.28
CA LEU B 183 -7.12 -4.73 27.74
C LEU B 183 -8.36 -3.88 27.49
N ASN B 184 -9.37 -4.45 26.83
CA ASN B 184 -10.54 -3.69 26.42
C ASN B 184 -11.50 -3.41 27.57
N ARG B 185 -11.16 -3.80 28.80
CA ARG B 185 -11.91 -3.33 29.95
C ARG B 185 -11.44 -1.97 30.41
N MET B 186 -10.18 -1.62 30.10
CA MET B 186 -9.66 -0.30 30.41
C MET B 186 -10.21 0.73 29.43
N SER B 187 -10.49 1.92 29.93
CA SER B 187 -10.85 3.01 29.03
C SER B 187 -9.65 3.37 28.16
N VAL B 188 -9.94 3.99 27.01
CA VAL B 188 -8.87 4.46 26.14
C VAL B 188 -7.91 5.35 26.91
N HIS B 189 -8.43 6.29 27.71
CA HIS B 189 -7.57 7.13 28.53
C HIS B 189 -6.73 6.28 29.49
N ASP B 190 -7.31 5.22 30.06
CA ASP B 190 -6.54 4.35 30.93
C ASP B 190 -5.41 3.67 30.18
N GLN B 191 -5.68 3.21 28.95
CA GLN B 191 -4.64 2.56 28.14
C GLN B 191 -3.53 3.54 27.79
N GLU B 192 -3.88 4.79 27.50
CA GLU B 192 -2.88 5.77 27.11
C GLU B 192 -1.92 6.07 28.25
N MET B 193 -2.43 6.15 29.48
CA MET B 193 -1.54 6.31 30.63
C MET B 193 -0.70 5.06 30.85
N MET B 194 -1.23 3.88 30.52
CA MET B 194 -0.46 2.64 30.62
C MET B 194 0.73 2.64 29.66
N ILE B 195 0.53 3.12 28.44
CA ILE B 195 1.60 3.13 27.43
C ILE B 195 2.46 4.38 27.52
N GLY B 196 1.83 5.55 27.64
CA GLY B 196 2.54 6.81 27.60
C GLY B 196 2.42 7.55 26.29
N ARG B 197 1.62 7.05 25.36
CA ARG B 197 1.32 7.74 24.13
C ARG B 197 -0.19 7.72 23.93
N THR B 198 -0.69 8.70 23.18
CA THR B 198 -2.09 8.67 22.80
C THR B 198 -2.31 7.55 21.78
N LYS B 199 -3.50 6.95 21.84
CA LYS B 199 -3.70 5.68 21.12
C LYS B 199 -3.93 5.88 19.62
N GLU B 200 -4.99 6.62 19.26
CA GLU B 200 -5.27 6.85 17.84
C GLU B 200 -4.16 7.65 17.17
N ALA B 201 -3.78 8.79 17.75
CA ALA B 201 -2.86 9.72 17.10
C ALA B 201 -1.38 9.41 17.37
N ASN B 202 -1.06 8.52 18.31
CA ASN B 202 0.32 8.12 18.57
C ASN B 202 1.22 9.31 18.91
N GLU B 203 0.75 10.17 19.80
CA GLU B 203 1.53 11.31 20.28
C GLU B 203 2.05 11.01 21.68
N GLU B 204 3.32 11.33 21.92
CA GLU B 204 3.93 11.06 23.21
C GLU B 204 3.33 11.95 24.30
N ILE B 205 2.90 11.35 25.39
CA ILE B 205 2.39 12.10 26.53
C ILE B 205 3.56 12.56 27.37
N ASP B 206 3.52 13.83 27.78
CA ASP B 206 4.65 14.42 28.49
C ASP B 206 4.99 13.63 29.74
N GLY B 207 6.29 13.39 29.95
CA GLY B 207 6.78 12.79 31.18
C GLY B 207 6.58 13.70 32.39
N ASP B 208 5.32 13.96 32.70
CA ASP B 208 4.89 14.86 33.77
C ASP B 208 3.40 14.64 33.94
N GLU B 209 2.76 14.32 32.81
CA GLU B 209 1.34 14.02 32.74
C GLU B 209 1.09 12.53 32.48
N ARG B 210 2.02 11.68 32.90
CA ARG B 210 1.88 10.25 32.73
C ARG B 210 2.51 9.54 33.91
N PRO B 211 1.95 8.41 34.33
CA PRO B 211 2.47 7.72 35.52
C PRO B 211 3.86 7.16 35.29
N GLU B 212 4.63 7.07 36.38
CA GLU B 212 5.96 6.49 36.32
C GLU B 212 5.93 5.01 35.96
N THR B 213 4.77 4.37 36.09
CA THR B 213 4.59 2.98 35.67
C THR B 213 4.31 2.84 34.18
N SER B 214 4.13 3.94 33.48
CA SER B 214 3.86 3.85 32.05
C SER B 214 5.04 3.20 31.35
N HIS B 215 4.75 2.53 30.24
CA HIS B 215 5.80 1.83 29.50
C HIS B 215 6.91 2.79 29.08
N LEU B 216 6.56 3.95 28.51
CA LEU B 216 7.59 4.89 28.08
C LEU B 216 8.49 5.29 29.22
N THR B 217 7.93 5.60 30.39
CA THR B 217 8.75 5.95 31.54
C THR B 217 9.65 4.79 31.94
N ARG B 218 9.13 3.55 31.87
CA ARG B 218 9.91 2.39 32.27
C ARG B 218 11.15 2.19 31.39
N VAL B 219 11.06 2.51 30.10
CA VAL B 219 12.10 2.14 29.14
C VAL B 219 12.81 3.34 28.51
N ASP B 220 12.36 4.57 28.73
CA ASP B 220 13.09 5.74 28.23
C ASP B 220 14.12 6.12 29.29
N LEU B 221 15.31 5.53 29.20
CA LEU B 221 16.34 5.64 30.23
C LEU B 221 17.59 6.31 29.68
N LYS B 222 18.34 6.97 30.56
CA LYS B 222 19.50 7.76 30.17
C LYS B 222 20.73 7.33 30.95
N GLU B 223 21.89 7.44 30.31
CA GLU B 223 23.18 7.20 30.97
C GLU B 223 24.19 8.22 30.46
N ASP B 224 24.87 8.89 31.39
CA ASP B 224 25.71 10.06 31.06
C ASP B 224 24.94 11.06 30.22
N GLY B 225 23.69 11.31 30.61
CA GLY B 225 22.85 12.23 29.86
C GLY B 225 22.45 11.78 28.48
N LYS B 226 22.70 10.52 28.11
CA LYS B 226 22.41 10.03 26.77
C LYS B 226 21.47 8.83 26.82
N GLY B 227 20.59 8.75 25.84
CA GLY B 227 19.57 7.71 25.84
C GLY B 227 20.16 6.33 25.62
N LEU B 228 19.62 5.34 26.36
CA LEU B 228 20.03 3.94 26.21
C LEU B 228 19.17 3.33 25.12
N LYS B 229 19.64 3.42 23.89
CA LYS B 229 18.85 3.03 22.74
C LYS B 229 19.05 1.56 22.41
N ILE B 230 18.03 0.99 21.75
CA ILE B 230 18.04 -0.37 21.24
C ILE B 230 17.31 -0.35 19.90
N VAL B 231 17.63 -1.34 19.05
CA VAL B 231 16.93 -1.50 17.77
C VAL B 231 15.94 -2.65 17.94
N ARG B 232 14.67 -2.30 18.04
CA ARG B 232 13.61 -3.30 18.18
C ARG B 232 13.18 -3.80 16.81
N GLN B 233 12.97 -5.13 16.72
CA GLN B 233 12.44 -5.78 15.53
C GLN B 233 11.20 -6.58 15.87
N SER B 234 10.48 -6.16 16.91
CA SER B 234 9.32 -6.90 17.40
C SER B 234 8.21 -6.92 16.35
N LEU B 235 7.44 -8.01 16.35
CA LEU B 235 6.29 -8.13 15.46
C LEU B 235 5.15 -8.83 16.17
N PRO B 236 3.90 -8.38 15.95
CA PRO B 236 2.74 -9.17 16.36
C PRO B 236 2.86 -10.61 15.90
N TYR B 237 2.18 -11.52 16.59
CA TYR B 237 2.20 -12.92 16.17
C TYR B 237 0.92 -13.56 16.67
N GLY B 238 0.59 -14.68 16.05
CA GLY B 238 -0.41 -15.53 16.65
C GLY B 238 -1.67 -15.69 15.86
N THR B 239 -2.71 -16.04 16.58
CA THR B 239 -3.97 -16.50 16.04
C THR B 239 -5.08 -15.60 16.59
N ALA B 240 -6.12 -15.39 15.79
CA ALA B 240 -7.22 -14.53 16.24
C ALA B 240 -8.00 -15.16 17.40
N SER B 241 -8.23 -16.47 17.34
CA SER B 241 -9.02 -17.16 18.37
C SER B 241 -8.19 -17.66 19.55
N GLY B 242 -6.88 -17.83 19.38
CA GLY B 242 -6.06 -18.43 20.40
C GLY B 242 -4.96 -17.52 20.88
N THR B 243 -3.75 -18.05 21.05
CA THR B 243 -2.67 -17.29 21.65
C THR B 243 -2.16 -16.23 20.68
N HIS B 244 -2.08 -15.00 21.14
CA HIS B 244 -1.60 -13.93 20.28
C HIS B 244 -0.92 -12.87 21.13
N GLY B 245 -0.15 -12.01 20.48
CA GLY B 245 0.49 -10.93 21.22
C GLY B 245 1.65 -10.32 20.46
N LEU B 246 2.72 -9.97 21.18
CA LEU B 246 3.89 -9.36 20.60
C LEU B 246 5.09 -10.27 20.81
N TYR B 247 5.79 -10.58 19.73
CA TYR B 247 7.09 -11.22 19.86
C TYR B 247 8.12 -10.10 19.96
N PHE B 248 8.66 -9.89 21.16
CA PHE B 248 9.64 -8.83 21.34
C PHE B 248 11.02 -9.29 20.91
N CYS B 249 11.70 -8.46 20.13
CA CYS B 249 13.05 -8.73 19.66
C CYS B 249 13.83 -7.43 19.64
N ALA B 250 15.04 -7.43 20.20
CA ALA B 250 15.84 -6.20 20.20
C ALA B 250 17.32 -6.51 20.00
N TYR B 251 17.99 -5.65 19.24
CA TYR B 251 19.42 -5.74 19.02
C TYR B 251 20.11 -4.53 19.64
N CYS B 252 21.29 -4.75 20.23
CA CYS B 252 22.00 -3.64 20.84
C CYS B 252 23.49 -3.99 20.94
N ALA B 253 24.34 -3.00 20.69
CA ALA B 253 25.79 -3.22 20.78
C ALA B 253 26.22 -3.61 22.17
N ARG B 254 25.43 -3.28 23.18
CA ARG B 254 25.65 -3.69 24.56
C ARG B 254 24.38 -4.31 25.11
N LEU B 255 24.50 -5.48 25.73
CA LEU B 255 23.36 -6.06 26.43
C LEU B 255 22.88 -5.15 27.55
N HIS B 256 23.80 -4.35 28.11
CA HIS B 256 23.49 -3.49 29.24
C HIS B 256 22.26 -2.60 28.99
N ASN B 257 22.06 -2.14 27.75
CA ASN B 257 20.90 -1.30 27.46
C ASN B 257 19.60 -2.09 27.60
N ILE B 258 19.56 -3.28 27.03
CA ILE B 258 18.38 -4.13 27.19
C ILE B 258 18.19 -4.47 28.66
N GLU B 259 19.27 -4.83 29.36
CA GLU B 259 19.18 -5.21 30.77
C GLU B 259 18.55 -4.11 31.61
N GLN B 260 19.02 -2.87 31.44
CA GLN B 260 18.50 -1.77 32.26
C GLN B 260 17.01 -1.57 32.02
N GLN B 261 16.58 -1.62 30.77
CA GLN B 261 15.16 -1.55 30.50
C GLN B 261 14.42 -2.72 31.14
N LEU B 262 15.03 -3.91 31.12
CA LEU B 262 14.40 -5.06 31.77
C LEU B 262 14.35 -4.87 33.28
N LEU B 263 15.46 -4.43 33.88
CA LEU B 263 15.47 -4.13 35.32
C LEU B 263 14.37 -3.15 35.68
N SER B 264 14.14 -2.15 34.83
CA SER B 264 13.20 -1.09 35.16
C SER B 264 11.76 -1.55 35.01
N MET B 265 11.43 -2.20 33.89
CA MET B 265 10.08 -2.67 33.66
C MET B 265 9.61 -3.65 34.74
N PHE B 266 10.52 -4.46 35.29
CA PHE B 266 10.12 -5.60 36.11
C PHE B 266 10.43 -5.43 37.59
N GLY B 267 10.59 -4.19 38.06
CA GLY B 267 10.52 -3.90 39.49
C GLY B 267 11.85 -3.80 40.23
N ASP B 268 12.98 -3.85 39.54
CA ASP B 268 14.28 -3.95 40.19
C ASP B 268 15.03 -2.63 40.28
N THR B 269 14.45 -1.54 39.82
CA THR B 269 15.10 -0.24 39.86
C THR B 269 14.50 0.70 40.89
N ASP B 270 13.16 0.81 40.96
CA ASP B 270 12.52 1.65 41.95
C ASP B 270 11.26 1.02 42.54
N GLY B 271 11.13 -0.31 42.48
CA GLY B 271 9.95 -0.99 42.96
C GLY B 271 8.76 -0.94 42.01
N LYS B 272 8.72 0.04 41.13
CA LYS B 272 7.64 0.17 40.17
C LYS B 272 7.83 -0.79 39.01
N ARG B 273 6.72 -1.27 38.45
CA ARG B 273 6.76 -2.19 37.32
C ARG B 273 5.94 -1.62 36.18
N ASP B 274 6.13 -2.21 35.00
CA ASP B 274 5.53 -1.70 33.78
C ASP B 274 4.02 -1.91 33.80
N ALA B 275 3.27 -0.86 33.49
CA ALA B 275 1.81 -0.93 33.54
C ALA B 275 1.22 -1.93 32.55
N MET B 276 1.96 -2.29 31.50
CA MET B 276 1.42 -3.20 30.49
C MET B 276 1.17 -4.60 31.04
N LEU B 277 1.75 -4.93 32.19
CA LEU B 277 1.54 -6.22 32.83
C LEU B 277 0.11 -6.38 33.33
N ARG B 278 -0.76 -5.40 33.13
CA ARG B 278 -2.15 -5.57 33.49
C ARG B 278 -2.92 -6.33 32.41
N PHE B 279 -2.41 -6.37 31.17
CA PHE B 279 -3.09 -7.10 30.11
C PHE B 279 -2.22 -8.07 29.32
N THR B 280 -0.89 -7.99 29.42
CA THR B 280 -0.02 -8.88 28.66
C THR B 280 1.12 -9.39 29.54
N LYS B 281 1.65 -10.56 29.20
CA LYS B 281 2.67 -11.26 30.00
C LYS B 281 3.73 -11.92 29.13
N PRO B 282 5.00 -11.77 29.48
CA PRO B 282 6.06 -12.54 28.81
C PRO B 282 6.07 -13.98 29.29
N VAL B 283 6.36 -14.92 28.39
CA VAL B 283 6.32 -16.34 28.71
C VAL B 283 7.58 -17.03 28.24
N THR B 284 8.39 -16.33 27.46
CA THR B 284 9.70 -16.81 27.06
C THR B 284 10.71 -15.70 27.32
N GLY B 285 11.99 -16.06 27.34
CA GLY B 285 13.06 -15.07 27.42
C GLY B 285 14.44 -15.66 27.21
N GLY B 286 15.26 -14.99 26.40
CA GLY B 286 16.62 -15.45 26.17
C GLY B 286 17.52 -14.36 25.65
N TYR B 287 18.80 -14.44 26.01
CA TYR B 287 19.86 -13.62 25.44
C TYR B 287 20.64 -14.43 24.42
N TYR B 288 21.12 -13.75 23.39
CA TYR B 288 21.88 -14.39 22.32
C TYR B 288 22.88 -13.39 21.78
N PHE B 289 24.03 -13.89 21.34
CA PHE B 289 25.05 -13.05 20.73
C PHE B 289 25.14 -13.40 19.25
N ALA B 290 24.87 -12.41 18.40
CA ALA B 290 24.93 -12.60 16.96
C ALA B 290 26.31 -12.19 16.48
N PRO B 291 27.15 -13.12 16.05
CA PRO B 291 28.49 -12.77 15.57
C PRO B 291 28.40 -12.00 14.26
N SER B 292 29.53 -11.39 13.88
CA SER B 292 29.59 -10.77 12.56
C SER B 292 29.48 -11.87 11.49
N LEU B 293 28.92 -11.49 10.34
CA LEU B 293 28.78 -12.45 9.25
C LEU B 293 30.13 -13.02 8.84
N ASP B 294 31.20 -12.24 8.99
CA ASP B 294 32.54 -12.78 8.76
C ASP B 294 32.86 -13.87 9.78
N LYS B 295 32.84 -13.52 11.08
CA LYS B 295 33.15 -14.48 12.14
C LYS B 295 32.17 -15.64 12.19
N LEU B 296 31.00 -15.53 11.57
CA LEU B 296 30.15 -16.70 11.38
C LEU B 296 30.81 -17.74 10.47
N MET B 297 32.06 -17.52 10.06
CA MET B 297 32.81 -18.41 9.17
C MET B 297 32.04 -18.67 7.88
N ALA B 298 31.35 -17.64 7.38
CA ALA B 298 30.47 -17.77 6.23
C ALA B 298 30.31 -16.47 5.45
N GLN C 3 8.23 18.46 19.06
CA GLN C 3 8.60 19.88 19.02
C GLN C 3 8.51 20.42 17.59
N VAL C 4 9.39 19.91 16.72
CA VAL C 4 9.46 20.41 15.35
C VAL C 4 8.25 19.91 14.56
N GLN C 5 7.71 20.77 13.71
CA GLN C 5 6.63 20.34 12.82
C GLN C 5 7.11 19.23 11.90
N SER C 6 6.20 18.30 11.58
CA SER C 6 6.56 17.04 10.94
C SER C 6 7.00 17.20 9.49
N GLY C 7 6.78 18.35 8.86
CA GLY C 7 7.06 18.49 7.44
C GLY C 7 8.44 18.96 7.06
N ILE C 8 9.27 19.32 8.04
CA ILE C 8 10.58 19.89 7.71
C ILE C 8 11.59 18.79 7.41
N LEU C 9 11.73 17.83 8.32
CA LEU C 9 12.86 16.90 8.26
C LEU C 9 12.76 15.72 7.29
N PRO C 10 11.56 15.20 6.95
CA PRO C 10 11.53 13.99 6.11
C PRO C 10 12.16 14.20 4.75
N GLU C 11 12.77 13.14 4.22
CA GLU C 11 13.48 13.19 2.96
C GLU C 11 12.77 12.36 1.91
N HIS C 12 13.04 12.68 0.64
CA HIS C 12 12.68 11.85 -0.50
C HIS C 12 11.16 11.75 -0.71
N CYS C 13 10.43 12.79 -0.34
CA CYS C 13 9.02 12.84 -0.67
C CYS C 13 8.82 12.75 -2.18
N ARG C 14 7.73 12.13 -2.61
CA ARG C 14 7.43 12.02 -4.02
C ARG C 14 6.39 13.01 -4.50
N ALA C 15 5.65 13.64 -3.59
CA ALA C 15 4.64 14.63 -3.97
C ALA C 15 4.41 15.58 -2.81
N ALA C 16 3.98 16.81 -3.14
CA ALA C 16 3.75 17.81 -2.12
C ALA C 16 2.70 18.79 -2.59
N ILE C 17 1.98 19.38 -1.63
CA ILE C 17 1.08 20.49 -1.88
C ILE C 17 1.55 21.69 -1.07
N TRP C 18 1.67 22.84 -1.73
CA TRP C 18 1.94 24.12 -1.08
C TRP C 18 0.75 25.05 -1.26
N ILE C 19 0.20 25.54 -0.15
CA ILE C 19 -0.92 26.47 -0.16
C ILE C 19 -0.41 27.80 0.39
N GLU C 20 -0.48 28.85 -0.44
CA GLU C 20 -0.16 30.20 -0.03
C GLU C 20 -1.44 31.02 0.04
N ALA C 21 -1.61 31.78 1.12
CA ALA C 21 -2.88 32.45 1.37
C ALA C 21 -2.67 33.71 2.20
N ASN C 22 -3.59 34.65 2.02
CA ASN C 22 -3.68 35.82 2.89
C ASN C 22 -4.80 35.60 3.90
N VAL C 23 -4.67 36.29 5.04
CA VAL C 23 -5.68 36.21 6.09
C VAL C 23 -7.01 36.80 5.60
N LYS C 24 -8.10 36.14 5.94
CA LYS C 24 -9.46 36.58 5.63
C LYS C 24 -10.17 36.88 6.94
N GLY C 25 -10.31 38.16 7.27
CA GLY C 25 -10.97 38.56 8.49
C GLY C 25 -10.01 38.74 9.65
N GLU C 26 -10.44 38.35 10.85
CA GLU C 26 -9.61 38.53 12.04
C GLU C 26 -8.50 37.49 12.08
N VAL C 27 -7.29 37.95 12.39
CA VAL C 27 -6.12 37.07 12.48
C VAL C 27 -6.33 36.03 13.57
N ASP C 28 -7.13 36.36 14.59
CA ASP C 28 -7.26 35.48 15.74
C ASP C 28 -7.90 34.13 15.39
N ALA C 29 -8.60 34.03 14.25
CA ALA C 29 -9.19 32.75 13.88
C ALA C 29 -8.13 31.73 13.49
N LEU C 30 -6.94 32.17 13.09
CA LEU C 30 -5.84 31.25 12.80
C LEU C 30 -5.47 30.40 14.01
N ARG C 31 -5.79 30.88 15.22
CA ARG C 31 -5.42 30.16 16.43
C ARG C 31 -6.13 28.81 16.51
N ALA C 32 -7.46 28.81 16.39
CA ALA C 32 -8.20 27.56 16.46
C ALA C 32 -8.02 26.73 15.20
N ALA C 33 -7.92 27.39 14.04
CA ALA C 33 -7.74 26.66 12.78
C ALA C 33 -6.44 25.87 12.79
N SER C 34 -5.38 26.43 13.38
CA SER C 34 -4.10 25.74 13.43
C SER C 34 -4.15 24.52 14.33
N LYS C 35 -4.82 24.63 15.48
CA LYS C 35 -4.92 23.49 16.38
C LYS C 35 -5.76 22.38 15.77
N THR C 36 -6.88 22.74 15.13
CA THR C 36 -7.71 21.72 14.49
C THR C 36 -6.93 20.97 13.43
N PHE C 37 -6.16 21.69 12.61
CA PHE C 37 -5.44 21.04 11.52
C PHE C 37 -4.32 20.14 12.06
N ALA C 38 -3.60 20.61 13.08
CA ALA C 38 -2.57 19.78 13.68
C ALA C 38 -3.14 18.49 14.25
N ASP C 39 -4.31 18.57 14.90
CA ASP C 39 -4.95 17.35 15.41
C ASP C 39 -5.28 16.41 14.26
N LYS C 40 -5.93 16.91 13.21
CA LYS C 40 -6.23 16.06 12.05
C LYS C 40 -4.95 15.53 11.43
N LEU C 41 -3.94 16.40 11.28
CA LEU C 41 -2.65 15.98 10.72
C LEU C 41 -2.08 14.80 11.49
N ALA C 42 -2.16 14.83 12.82
CA ALA C 42 -1.59 13.78 13.64
C ALA C 42 -2.25 12.44 13.33
N THR C 43 -3.59 12.40 13.32
CA THR C 43 -4.24 11.12 13.08
C THR C 43 -4.04 10.66 11.64
N PHE C 44 -3.88 11.58 10.70
CA PHE C 44 -3.48 11.21 9.34
C PHE C 44 -2.13 10.50 9.33
N GLU C 45 -1.17 11.02 10.09
CA GLU C 45 0.18 10.45 10.07
C GLU C 45 0.20 9.06 10.68
N ALA C 46 -0.63 8.81 11.70
CA ALA C 46 -0.74 7.47 12.28
C ALA C 46 -1.58 6.53 11.45
N LYS C 47 -2.47 7.08 10.62
CA LYS C 47 -3.29 6.27 9.73
C LYS C 47 -2.49 5.78 8.52
N PHE C 48 -1.54 6.58 8.03
CA PHE C 48 -0.78 6.25 6.83
C PHE C 48 0.72 6.28 7.12
N PRO C 49 1.21 5.37 7.95
CA PRO C 49 2.65 5.40 8.27
C PRO C 49 3.53 5.17 7.05
N ASP C 50 3.10 4.32 6.11
CA ASP C 50 3.93 4.05 4.94
C ASP C 50 4.00 5.25 3.99
N ALA C 51 3.18 6.28 4.18
CA ALA C 51 3.23 7.43 3.28
C ALA C 51 4.32 8.42 3.67
N HIS C 52 4.88 8.31 4.87
CA HIS C 52 5.88 9.26 5.37
C HIS C 52 5.35 10.70 5.27
N LEU C 53 4.16 10.91 5.81
CA LEU C 53 3.46 12.18 5.71
C LEU C 53 4.08 13.21 6.66
N GLY C 54 4.28 14.43 6.14
CA GLY C 54 4.64 15.55 6.97
C GLY C 54 3.94 16.81 6.50
N ALA C 55 3.83 17.78 7.41
CA ALA C 55 3.22 19.06 7.07
C ALA C 55 3.83 20.15 7.93
N VAL C 56 3.84 21.37 7.40
CA VAL C 56 4.26 22.52 8.21
C VAL C 56 3.37 23.71 7.89
N VAL C 57 2.91 24.38 8.93
CA VAL C 57 2.16 25.63 8.83
C VAL C 57 3.11 26.74 9.23
N ALA C 58 3.24 27.75 8.38
CA ALA C 58 4.12 28.87 8.63
C ALA C 58 3.37 30.16 8.35
N PHE C 59 3.91 31.27 8.85
CA PHE C 59 3.21 32.55 8.82
C PHE C 59 4.12 33.67 8.35
N GLY C 60 3.50 34.67 7.71
CA GLY C 60 4.22 35.84 7.24
C GLY C 60 4.47 36.83 8.34
N ASN C 61 5.27 37.86 8.02
CA ASN C 61 5.77 38.76 9.06
C ASN C 61 4.62 39.39 9.83
N ASN C 62 3.77 40.16 9.14
CA ASN C 62 2.70 40.87 9.84
C ASN C 62 1.77 39.90 10.55
N THR C 63 1.44 38.78 9.91
CA THR C 63 0.52 37.84 10.53
C THR C 63 1.14 37.15 11.73
N TRP C 64 2.43 36.80 11.64
CA TRP C 64 3.09 36.16 12.77
C TRP C 64 3.31 37.14 13.92
N ARG C 65 3.66 38.39 13.61
CA ARG C 65 3.84 39.38 14.67
C ARG C 65 2.55 39.54 15.48
N ALA C 66 1.40 39.58 14.80
CA ALA C 66 0.13 39.64 15.53
C ALA C 66 -0.11 38.38 16.36
N LEU C 67 0.37 37.23 15.89
CA LEU C 67 0.16 35.97 16.58
C LEU C 67 1.18 35.68 17.66
N SER C 68 2.36 36.30 17.63
CA SER C 68 3.47 35.80 18.44
C SER C 68 3.34 36.15 19.93
N GLY C 69 3.24 37.43 20.31
CA GLY C 69 3.27 38.63 19.49
C GLY C 69 3.62 39.88 20.31
N GLY C 70 4.71 40.55 19.93
CA GLY C 70 5.57 40.13 18.84
C GLY C 70 6.90 39.58 19.32
N VAL C 71 6.84 38.40 19.91
CA VAL C 71 8.00 37.74 20.52
C VAL C 71 8.75 36.95 19.47
N GLY C 72 10.07 36.97 19.54
CA GLY C 72 10.91 36.13 18.71
C GLY C 72 10.77 36.38 17.21
N ALA C 73 11.34 35.45 16.45
CA ALA C 73 11.35 35.51 14.98
C ALA C 73 11.95 36.82 14.50
N GLU C 74 13.05 37.24 15.16
CA GLU C 74 13.73 38.49 14.82
C GLU C 74 14.00 38.60 13.33
N GLU C 75 14.58 37.56 12.74
CA GLU C 75 15.03 37.65 11.35
C GLU C 75 13.89 37.75 10.36
N LEU C 76 12.66 37.48 10.79
CA LEU C 76 11.54 37.44 9.83
C LEU C 76 11.15 38.85 9.40
N LYS C 77 10.92 38.99 8.10
CA LYS C 77 10.50 40.24 7.48
C LYS C 77 9.79 39.89 6.18
N ASP C 78 9.09 40.88 5.62
CA ASP C 78 8.50 40.68 4.31
C ASP C 78 9.59 40.37 3.29
N PHE C 79 9.33 39.39 2.42
CA PHE C 79 10.27 39.08 1.34
C PHE C 79 10.53 40.34 0.53
N PRO C 80 11.76 40.86 0.52
CA PRO C 80 12.02 42.07 -0.24
C PRO C 80 12.15 41.76 -1.72
N GLY C 81 12.72 42.65 -2.48
CA GLY C 81 13.10 42.29 -3.82
C GLY C 81 14.49 41.72 -3.85
N TYR C 82 14.86 41.19 -5.01
CA TYR C 82 16.26 40.91 -5.28
C TYR C 82 16.52 41.14 -6.76
N GLY C 83 17.66 41.76 -7.08
CA GLY C 83 18.04 41.98 -8.46
C GLY C 83 17.15 42.92 -9.22
N LYS C 84 16.55 43.90 -8.52
CA LYS C 84 15.79 44.99 -9.15
C LYS C 84 14.55 44.48 -9.87
N GLY C 85 13.82 43.58 -9.21
CA GLY C 85 12.65 42.97 -9.80
C GLY C 85 12.91 41.64 -10.47
N LEU C 86 14.17 41.23 -10.58
CA LEU C 86 14.49 39.93 -11.15
C LEU C 86 13.89 38.79 -10.29
N ALA C 87 13.92 38.95 -8.98
CA ALA C 87 13.19 38.07 -8.06
C ALA C 87 12.03 38.85 -7.47
N PRO C 88 10.81 38.68 -8.00
CA PRO C 88 9.67 39.46 -7.50
C PRO C 88 9.27 39.03 -6.10
N THR C 89 8.46 39.87 -5.47
CA THR C 89 7.94 39.60 -4.13
C THR C 89 6.43 39.42 -4.21
N THR C 90 5.96 38.28 -3.71
CA THR C 90 4.54 37.98 -3.55
C THR C 90 4.35 37.40 -2.13
N GLN C 91 4.61 38.24 -1.13
CA GLN C 91 4.53 37.82 0.26
C GLN C 91 3.08 37.72 0.71
N PHE C 92 2.72 36.57 1.28
CA PHE C 92 1.39 36.31 1.79
C PHE C 92 1.43 36.09 3.30
N ASP C 93 0.29 35.69 3.86
CA ASP C 93 0.15 35.62 5.30
C ASP C 93 0.40 34.20 5.84
N VAL C 94 -0.14 33.18 5.17
CA VAL C 94 -0.08 31.81 5.67
C VAL C 94 0.48 30.90 4.57
N LEU C 95 1.38 30.00 4.97
CA LEU C 95 1.91 28.98 4.07
C LEU C 95 1.69 27.61 4.68
N ILE C 96 1.07 26.71 3.91
CA ILE C 96 0.86 25.33 4.33
C ILE C 96 1.58 24.44 3.33
N HIS C 97 2.54 23.66 3.80
CA HIS C 97 3.34 22.77 2.99
C HIS C 97 3.07 21.34 3.45
N ILE C 98 2.54 20.51 2.56
CA ILE C 98 2.20 19.13 2.87
C ILE C 98 3.02 18.25 1.95
N LEU C 99 3.71 17.25 2.50
CA LEU C 99 4.55 16.40 1.68
C LEU C 99 4.49 14.96 2.18
N SER C 100 4.63 14.02 1.25
CA SER C 100 4.60 12.59 1.59
C SER C 100 5.01 11.80 0.36
N LEU C 101 4.83 10.49 0.42
CA LEU C 101 5.10 9.66 -0.73
C LEU C 101 3.90 9.48 -1.64
N ARG C 102 2.72 10.00 -1.26
CA ARG C 102 1.48 9.65 -1.95
C ARG C 102 0.66 10.89 -2.26
N HIS C 103 0.25 11.04 -3.52
CA HIS C 103 -0.64 12.13 -3.90
C HIS C 103 -1.96 12.06 -3.14
N ASP C 104 -2.53 10.85 -3.02
CA ASP C 104 -3.89 10.75 -2.48
C ASP C 104 -3.93 11.16 -1.02
N VAL C 105 -2.91 10.78 -0.24
CA VAL C 105 -2.85 11.20 1.16
C VAL C 105 -2.65 12.72 1.26
N ASN C 106 -1.76 13.27 0.43
CA ASN C 106 -1.55 14.72 0.45
C ASN C 106 -2.86 15.47 0.23
N PHE C 107 -3.72 14.95 -0.65
CA PHE C 107 -4.94 15.67 -0.98
C PHE C 107 -5.94 15.62 0.16
N SER C 108 -6.00 14.50 0.88
CA SER C 108 -6.85 14.44 2.07
C SER C 108 -6.38 15.43 3.12
N VAL C 109 -5.07 15.56 3.29
CA VAL C 109 -4.55 16.51 4.27
C VAL C 109 -4.83 17.94 3.83
N ALA C 110 -4.60 18.26 2.55
CA ALA C 110 -4.89 19.60 2.06
C ALA C 110 -6.37 19.94 2.20
N GLN C 111 -7.25 18.94 2.04
CA GLN C 111 -8.67 19.18 2.26
C GLN C 111 -8.97 19.39 3.74
N ALA C 112 -8.27 18.67 4.61
CA ALA C 112 -8.41 18.92 6.04
C ALA C 112 -7.94 20.33 6.38
N ALA C 113 -6.81 20.76 5.83
CA ALA C 113 -6.36 22.13 6.03
C ALA C 113 -7.41 23.13 5.56
N MET C 114 -8.09 22.83 4.45
CA MET C 114 -9.05 23.80 3.93
C MET C 114 -10.33 23.84 4.76
N GLU C 115 -10.66 22.75 5.45
CA GLU C 115 -11.81 22.81 6.35
C GLU C 115 -11.45 23.57 7.62
N ALA C 116 -10.21 23.43 8.09
CA ALA C 116 -9.77 24.15 9.28
C ALA C 116 -9.63 25.64 9.00
N PHE C 117 -8.94 26.01 7.92
CA PHE C 117 -8.59 27.40 7.64
C PHE C 117 -9.54 28.09 6.65
N GLY C 118 -10.58 27.40 6.18
CA GLY C 118 -11.36 27.92 5.06
C GLY C 118 -11.98 29.29 5.33
N ASP C 119 -12.53 29.50 6.51
CA ASP C 119 -13.21 30.73 6.86
C ASP C 119 -12.29 31.81 7.39
N CYS C 120 -10.98 31.63 7.28
CA CYS C 120 -10.06 32.68 7.73
C CYS C 120 -8.85 32.86 6.82
N ILE C 121 -8.80 32.19 5.67
CA ILE C 121 -7.76 32.48 4.69
C ILE C 121 -8.36 32.61 3.31
N GLU C 122 -7.67 33.34 2.44
CA GLU C 122 -8.00 33.48 1.03
C GLU C 122 -6.82 32.95 0.24
N VAL C 123 -7.00 31.79 -0.40
CA VAL C 123 -5.89 31.10 -1.05
C VAL C 123 -5.49 31.87 -2.31
N LYS C 124 -4.19 32.10 -2.47
CA LYS C 124 -3.64 32.79 -3.63
C LYS C 124 -3.03 31.84 -4.65
N GLU C 125 -2.34 30.79 -4.21
CA GLU C 125 -1.99 29.73 -5.16
C GLU C 125 -1.83 28.43 -4.40
N GLU C 126 -2.29 27.35 -5.01
CA GLU C 126 -2.07 25.99 -4.52
C GLU C 126 -1.30 25.25 -5.60
N ILE C 127 -0.08 24.82 -5.27
CA ILE C 127 0.83 24.21 -6.23
C ILE C 127 1.04 22.76 -5.83
N HIS C 128 0.90 21.86 -6.79
CA HIS C 128 1.11 20.43 -6.59
C HIS C 128 2.47 20.04 -7.18
N GLY C 129 3.44 19.78 -6.30
CA GLY C 129 4.74 19.31 -6.74
C GLY C 129 4.79 17.81 -6.86
N PHE C 130 5.68 17.33 -7.74
CA PHE C 130 5.87 15.91 -7.93
C PHE C 130 7.34 15.66 -8.22
N ARG C 131 7.88 14.59 -7.65
CA ARG C 131 9.24 14.17 -7.97
C ARG C 131 9.26 13.57 -9.37
N TRP C 132 10.15 14.03 -10.22
CA TRP C 132 10.21 13.53 -11.58
C TRP C 132 11.15 12.32 -11.65
N VAL C 133 11.29 11.76 -12.86
CA VAL C 133 12.12 10.58 -13.04
C VAL C 133 13.55 10.90 -12.63
N GLU C 134 14.15 9.99 -11.84
CA GLU C 134 15.51 10.11 -11.32
C GLU C 134 15.70 11.38 -10.51
N GLU C 135 14.61 11.91 -9.94
CA GLU C 135 14.64 13.10 -9.11
C GLU C 135 15.32 14.27 -9.83
N ARG C 136 15.10 14.34 -11.14
CA ARG C 136 15.67 15.42 -11.94
C ARG C 136 14.68 16.58 -12.03
N ASP C 137 15.21 17.80 -11.97
CA ASP C 137 14.45 18.97 -12.36
C ASP C 137 13.99 18.81 -13.81
N LEU C 138 12.88 19.48 -14.15
CA LEU C 138 12.35 19.40 -15.52
C LEU C 138 13.38 19.82 -16.56
N SER C 139 14.41 20.57 -16.17
CA SER C 139 15.51 20.90 -17.07
C SER C 139 16.35 19.69 -17.44
N GLY C 140 16.25 18.61 -16.67
CA GLY C 140 17.03 17.41 -16.91
C GLY C 140 18.21 17.23 -15.98
N PHE C 141 18.44 18.15 -15.05
CA PHE C 141 19.51 18.06 -14.07
C PHE C 141 18.97 17.49 -12.77
N VAL C 142 19.75 16.62 -12.13
CA VAL C 142 19.34 16.07 -10.84
C VAL C 142 19.34 17.19 -9.81
N ASP C 143 18.25 17.30 -9.06
CA ASP C 143 18.09 18.34 -8.06
C ASP C 143 17.98 17.72 -6.68
N GLY C 144 18.83 18.18 -5.77
CA GLY C 144 18.79 17.75 -4.38
C GLY C 144 19.96 16.91 -3.93
N THR C 145 20.98 16.71 -4.77
CA THR C 145 22.05 15.79 -4.41
C THR C 145 22.81 16.26 -3.17
N GLU C 146 23.20 17.54 -3.13
CA GLU C 146 23.99 18.06 -2.03
C GLU C 146 23.14 18.56 -0.87
N ASN C 147 21.83 18.31 -0.90
CA ASN C 147 20.98 18.58 0.25
C ASN C 147 21.53 17.85 1.48
N PRO C 148 21.44 18.45 2.66
CA PRO C 148 21.90 17.78 3.87
C PRO C 148 21.13 16.50 4.13
N ALA C 149 21.79 15.55 4.80
CA ALA C 149 21.22 14.24 5.09
C ALA C 149 22.08 13.59 6.17
N GLY C 150 21.42 12.99 7.17
CA GLY C 150 19.97 12.91 7.27
C GLY C 150 19.44 13.63 8.49
N GLU C 151 18.84 12.86 9.41
CA GLU C 151 18.05 13.45 10.49
C GLU C 151 18.85 14.46 11.32
N GLU C 152 20.03 14.07 11.80
CA GLU C 152 20.73 14.95 12.73
C GLU C 152 21.32 16.17 12.02
N THR C 153 21.89 15.98 10.83
CA THR C 153 22.43 17.12 10.10
C THR C 153 21.32 18.06 9.64
N ARG C 154 20.22 17.51 9.12
CA ARG C 154 19.12 18.36 8.68
C ARG C 154 18.51 19.12 9.84
N ARG C 155 18.55 18.53 11.04
CA ARG C 155 18.05 19.20 12.23
C ARG C 155 18.88 20.44 12.56
N GLU C 156 20.21 20.32 12.55
CA GLU C 156 21.07 21.44 12.90
C GLU C 156 21.06 22.54 11.84
N VAL C 157 20.72 22.21 10.60
CA VAL C 157 20.61 23.23 9.55
C VAL C 157 19.26 23.94 9.62
N ALA C 158 18.17 23.20 9.80
CA ALA C 158 16.83 23.74 9.61
C ALA C 158 16.10 24.10 10.90
N VAL C 159 16.39 23.44 12.02
CA VAL C 159 15.60 23.57 13.24
C VAL C 159 16.30 24.50 14.22
N ILE C 160 15.55 25.47 14.76
CA ILE C 160 16.08 26.39 15.76
C ILE C 160 16.32 25.63 17.06
N LYS C 161 17.52 25.76 17.61
CA LYS C 161 17.93 24.93 18.74
C LYS C 161 17.31 25.41 20.05
N ASP C 162 17.53 26.68 20.43
CA ASP C 162 17.06 27.14 21.72
C ASP C 162 16.17 28.37 21.60
N GLY C 163 15.83 28.97 22.73
CA GLY C 163 15.12 30.23 22.74
C GLY C 163 13.61 30.09 22.61
N VAL C 164 12.97 31.24 22.44
CA VAL C 164 11.52 31.29 22.29
C VAL C 164 11.09 30.46 21.09
N ASP C 165 11.85 30.52 20.00
CA ASP C 165 11.52 29.89 18.73
C ASP C 165 12.17 28.52 18.56
N ALA C 166 12.56 27.88 19.66
CA ALA C 166 13.14 26.55 19.60
C ALA C 166 12.14 25.56 19.00
N GLY C 167 12.62 24.69 18.13
CA GLY C 167 11.76 23.83 17.33
C GLY C 167 11.20 24.50 16.08
N GLY C 168 11.34 25.82 15.96
CA GLY C 168 10.85 26.55 14.81
C GLY C 168 11.83 26.52 13.65
N SER C 169 11.43 27.19 12.56
CA SER C 169 12.26 27.26 11.36
C SER C 169 11.76 28.41 10.48
N TYR C 170 12.65 28.89 9.61
CA TYR C 170 12.32 29.92 8.63
C TYR C 170 12.16 29.27 7.25
N VAL C 171 11.16 29.72 6.50
CA VAL C 171 10.79 29.11 5.22
C VAL C 171 10.86 30.15 4.11
N PHE C 172 11.44 29.76 2.97
CA PHE C 172 11.41 30.55 1.75
C PHE C 172 10.80 29.70 0.63
N VAL C 173 9.79 30.24 -0.05
CA VAL C 173 9.14 29.58 -1.17
C VAL C 173 9.19 30.51 -2.38
N GLN C 174 9.46 29.94 -3.55
CA GLN C 174 9.64 30.73 -4.77
C GLN C 174 9.33 29.83 -5.95
N ARG C 175 8.35 30.21 -6.76
CA ARG C 175 7.93 29.39 -7.88
C ARG C 175 8.62 29.87 -9.16
N TRP C 176 9.27 28.95 -9.85
CA TRP C 176 9.96 29.24 -11.10
C TRP C 176 9.19 28.67 -12.28
N GLU C 177 9.16 29.41 -13.40
CA GLU C 177 8.53 28.96 -14.64
C GLU C 177 9.62 28.70 -15.67
N HIS C 178 9.80 27.43 -16.04
CA HIS C 178 10.83 27.06 -17.00
C HIS C 178 10.38 27.33 -18.44
N ASN C 179 11.28 27.88 -19.24
CA ASN C 179 11.13 27.95 -20.69
C ASN C 179 12.05 26.88 -21.26
N LEU C 180 11.50 25.67 -21.44
CA LEU C 180 12.30 24.54 -21.90
C LEU C 180 12.71 24.71 -23.36
N LYS C 181 11.90 25.42 -24.15
CA LYS C 181 12.33 25.78 -25.50
C LYS C 181 13.61 26.61 -25.46
N GLN C 182 13.64 27.62 -24.60
CA GLN C 182 14.85 28.44 -24.43
C GLN C 182 15.99 27.63 -23.83
N LEU C 183 15.67 26.67 -22.97
CA LEU C 183 16.72 25.82 -22.40
C LEU C 183 17.32 24.88 -23.44
N ASN C 184 16.48 24.30 -24.28
CA ASN C 184 16.98 23.39 -25.31
C ASN C 184 17.68 24.12 -26.46
N ARG C 185 17.73 25.45 -26.42
CA ARG C 185 18.65 26.19 -27.28
C ARG C 185 20.09 25.85 -26.90
N MET C 186 20.39 25.87 -25.61
CA MET C 186 21.76 25.67 -25.14
C MET C 186 22.19 24.23 -25.36
N SER C 187 23.45 24.07 -25.79
CA SER C 187 24.04 22.74 -25.82
C SER C 187 24.14 22.19 -24.40
N VAL C 188 24.31 20.87 -24.31
CA VAL C 188 24.42 20.24 -22.99
C VAL C 188 25.62 20.80 -22.23
N HIS C 189 26.72 21.06 -22.93
CA HIS C 189 27.88 21.66 -22.28
C HIS C 189 27.53 23.01 -21.69
N ASP C 190 26.91 23.89 -22.49
CA ASP C 190 26.48 25.19 -21.99
C ASP C 190 25.57 25.06 -20.79
N GLN C 191 24.66 24.07 -20.82
CA GLN C 191 23.82 23.80 -19.66
C GLN C 191 24.66 23.45 -18.44
N GLU C 192 25.70 22.64 -18.64
CA GLU C 192 26.53 22.23 -17.52
C GLU C 192 27.32 23.38 -16.93
N MET C 193 27.77 24.33 -17.77
CA MET C 193 28.41 25.52 -17.24
C MET C 193 27.41 26.40 -16.50
N MET C 194 26.14 26.35 -16.90
CA MET C 194 25.11 27.15 -16.25
C MET C 194 24.81 26.64 -14.85
N ILE C 195 24.81 25.32 -14.66
CA ILE C 195 24.49 24.72 -13.37
C ILE C 195 25.74 24.55 -12.50
N GLY C 196 26.80 23.98 -13.07
CA GLY C 196 28.00 23.65 -12.32
C GLY C 196 28.22 22.16 -12.14
N ARG C 197 27.30 21.32 -12.59
CA ARG C 197 27.46 19.87 -12.57
C ARG C 197 27.12 19.33 -13.95
N THR C 198 27.74 18.21 -14.32
CA THR C 198 27.38 17.56 -15.57
C THR C 198 25.95 17.03 -15.48
N LYS C 199 25.29 16.96 -16.64
CA LYS C 199 23.85 16.72 -16.67
C LYS C 199 23.51 15.27 -16.36
N GLU C 200 23.82 14.36 -17.29
CA GLU C 200 23.41 12.96 -17.12
C GLU C 200 24.16 12.27 -15.99
N ALA C 201 25.37 12.74 -15.66
CA ALA C 201 26.20 12.09 -14.66
C ALA C 201 26.14 12.74 -13.29
N ASN C 202 25.74 14.01 -13.20
CA ASN C 202 25.56 14.71 -11.92
C ASN C 202 26.85 14.71 -11.08
N GLU C 203 27.97 14.97 -11.74
CA GLU C 203 29.26 15.13 -11.07
C GLU C 203 29.58 16.62 -11.01
N GLU C 204 29.98 17.10 -9.83
CA GLU C 204 30.25 18.52 -9.66
C GLU C 204 31.46 18.94 -10.50
N ILE C 205 31.32 20.04 -11.23
CA ILE C 205 32.42 20.58 -12.01
C ILE C 205 33.26 21.46 -11.10
N ASP C 206 34.59 21.32 -11.22
CA ASP C 206 35.51 22.06 -10.36
C ASP C 206 35.27 23.56 -10.45
N GLY C 207 35.28 24.22 -9.31
CA GLY C 207 35.06 25.66 -9.25
C GLY C 207 36.22 26.49 -9.75
N ASP C 208 36.73 26.15 -10.93
CA ASP C 208 37.72 26.96 -11.62
C ASP C 208 37.63 26.67 -13.11
N GLU C 209 37.04 25.52 -13.45
CA GLU C 209 36.60 25.18 -14.80
C GLU C 209 35.10 25.33 -14.94
N ARG C 210 34.56 26.40 -14.34
CA ARG C 210 33.14 26.61 -14.19
C ARG C 210 32.89 28.11 -13.99
N PRO C 211 32.01 28.72 -14.78
CA PRO C 211 31.84 30.18 -14.71
C PRO C 211 31.32 30.61 -13.35
N GLU C 212 31.69 31.84 -12.97
CA GLU C 212 31.22 32.38 -11.70
C GLU C 212 29.71 32.60 -11.68
N THR C 213 29.09 32.67 -12.86
CA THR C 213 27.64 32.78 -12.95
C THR C 213 26.94 31.43 -12.75
N SER C 214 27.70 30.33 -12.75
CA SER C 214 27.11 29.02 -12.58
C SER C 214 26.33 28.96 -11.28
N HIS C 215 25.28 28.14 -11.29
CA HIS C 215 24.38 28.09 -10.15
C HIS C 215 25.10 27.68 -8.87
N LEU C 216 26.02 26.72 -8.96
CA LEU C 216 26.69 26.24 -7.76
C LEU C 216 27.61 27.31 -7.17
N THR C 217 28.33 28.05 -8.02
CA THR C 217 29.16 29.13 -7.50
C THR C 217 28.31 30.21 -6.82
N ARG C 218 27.10 30.44 -7.33
CA ARG C 218 26.21 31.43 -6.73
C ARG C 218 25.81 31.03 -5.31
N VAL C 219 25.44 29.75 -5.11
CA VAL C 219 24.78 29.34 -3.87
C VAL C 219 25.69 28.63 -2.87
N ASP C 220 26.89 28.22 -3.28
CA ASP C 220 27.82 27.57 -2.36
C ASP C 220 28.63 28.66 -1.65
N LEU C 221 28.09 29.15 -0.54
CA LEU C 221 28.65 30.28 0.18
C LEU C 221 29.08 29.86 1.58
N LYS C 222 30.18 30.46 2.05
CA LYS C 222 30.78 30.13 3.33
C LYS C 222 30.86 31.36 4.22
N GLU C 223 30.76 31.13 5.52
CA GLU C 223 30.84 32.18 6.53
C GLU C 223 31.60 31.63 7.73
N ASP C 224 32.70 32.31 8.11
CA ASP C 224 33.61 31.83 9.14
C ASP C 224 34.12 30.44 8.80
N GLY C 225 34.50 30.26 7.53
CA GLY C 225 34.97 28.99 7.03
C GLY C 225 33.93 27.89 6.95
N LYS C 226 32.67 28.16 7.32
CA LYS C 226 31.61 27.18 7.33
C LYS C 226 30.53 27.58 6.33
N GLY C 227 30.14 26.64 5.48
CA GLY C 227 29.15 26.93 4.46
C GLY C 227 27.78 27.20 5.03
N LEU C 228 27.07 28.14 4.38
CA LEU C 228 25.69 28.46 4.75
C LEU C 228 24.77 27.42 4.13
N LYS C 229 24.27 26.50 4.95
CA LYS C 229 23.48 25.37 4.49
C LYS C 229 21.98 25.64 4.64
N ILE C 230 21.19 24.95 3.80
CA ILE C 230 19.72 25.03 3.83
C ILE C 230 19.16 23.64 3.54
N VAL C 231 17.93 23.41 4.00
CA VAL C 231 17.20 22.18 3.67
C VAL C 231 16.22 22.51 2.56
N ARG C 232 16.43 21.94 1.38
CA ARG C 232 15.60 22.19 0.21
C ARG C 232 14.58 21.07 0.02
N GLN C 233 13.30 21.46 -0.09
CA GLN C 233 12.19 20.55 -0.31
C GLN C 233 11.52 20.83 -1.64
N SER C 234 12.26 21.38 -2.59
CA SER C 234 11.71 21.79 -3.88
C SER C 234 11.28 20.59 -4.71
N LEU C 235 10.33 20.82 -5.62
CA LEU C 235 9.79 19.78 -6.49
C LEU C 235 9.35 20.40 -7.79
N PRO C 236 9.49 19.68 -8.91
CA PRO C 236 8.88 20.12 -10.17
C PRO C 236 7.36 20.23 -10.02
N TYR C 237 6.76 21.08 -10.85
CA TYR C 237 5.32 21.25 -10.81
C TYR C 237 4.82 21.57 -12.21
N GLY C 238 3.51 21.42 -12.39
CA GLY C 238 2.85 21.99 -13.54
C GLY C 238 2.38 21.02 -14.58
N THR C 239 2.22 21.55 -15.79
CA THR C 239 1.61 20.85 -16.90
C THR C 239 2.64 20.70 -18.01
N ALA C 240 2.50 19.63 -18.80
CA ALA C 240 3.43 19.41 -19.90
C ALA C 240 3.25 20.46 -21.00
N SER C 241 2.00 20.76 -21.36
CA SER C 241 1.68 21.68 -22.45
C SER C 241 1.60 23.14 -22.02
N GLY C 242 1.60 23.43 -20.73
CA GLY C 242 1.46 24.79 -20.25
C GLY C 242 2.59 25.15 -19.30
N THR C 243 2.22 25.85 -18.23
CA THR C 243 3.22 26.39 -17.33
C THR C 243 3.81 25.27 -16.48
N HIS C 244 5.14 25.26 -16.39
CA HIS C 244 5.83 24.23 -15.62
C HIS C 244 7.19 24.77 -15.18
N GLY C 245 7.75 24.13 -14.16
CA GLY C 245 9.05 24.54 -13.66
C GLY C 245 9.34 23.90 -12.32
N LEU C 246 10.08 24.63 -11.49
CA LEU C 246 10.44 24.17 -10.17
C LEU C 246 9.74 25.05 -9.14
N TYR C 247 9.12 24.43 -8.15
CA TYR C 247 8.60 25.16 -7.00
C TYR C 247 9.67 25.06 -5.92
N PHE C 248 10.43 26.14 -5.72
CA PHE C 248 11.54 26.10 -4.76
C PHE C 248 11.01 26.27 -3.34
N CYS C 249 11.51 25.43 -2.45
CA CYS C 249 11.14 25.49 -1.04
C CYS C 249 12.40 25.26 -0.23
N ALA C 250 12.68 26.14 0.74
CA ALA C 250 13.86 25.98 1.58
C ALA C 250 13.52 26.22 3.04
N TYR C 251 14.10 25.41 3.92
CA TYR C 251 14.04 25.60 5.36
C TYR C 251 15.43 25.87 5.91
N CYS C 252 15.52 26.79 6.87
CA CYS C 252 16.80 27.05 7.51
C CYS C 252 16.56 27.58 8.92
N ALA C 253 17.49 27.24 9.82
CA ALA C 253 17.41 27.77 11.17
C ALA C 253 17.53 29.29 11.19
N ARG C 254 18.27 29.87 10.24
CA ARG C 254 18.36 31.32 10.12
C ARG C 254 17.96 31.74 8.71
N LEU C 255 17.06 32.72 8.63
CA LEU C 255 16.72 33.30 7.32
C LEU C 255 17.96 33.85 6.64
N HIS C 256 18.98 34.23 7.42
CA HIS C 256 20.18 34.87 6.87
C HIS C 256 20.84 34.01 5.79
N ASN C 257 20.95 32.70 6.01
CA ASN C 257 21.51 31.83 4.99
C ASN C 257 20.76 31.95 3.67
N ILE C 258 19.44 32.02 3.73
CA ILE C 258 18.68 32.10 2.48
C ILE C 258 18.86 33.45 1.82
N GLU C 259 18.86 34.53 2.61
CA GLU C 259 19.05 35.87 2.05
C GLU C 259 20.38 35.98 1.31
N GLN C 260 21.45 35.45 1.90
CA GLN C 260 22.77 35.56 1.28
C GLN C 260 22.79 34.89 -0.09
N GLN C 261 22.09 33.76 -0.22
CA GLN C 261 22.07 33.07 -1.50
C GLN C 261 21.21 33.80 -2.54
N LEU C 262 20.12 34.44 -2.13
CA LEU C 262 19.35 35.25 -3.06
C LEU C 262 20.14 36.47 -3.52
N LEU C 263 20.81 37.14 -2.58
CA LEU C 263 21.65 38.28 -2.93
C LEU C 263 22.70 37.90 -3.95
N SER C 264 23.34 36.73 -3.76
CA SER C 264 24.33 36.26 -4.72
C SER C 264 23.69 35.94 -6.07
N MET C 265 22.59 35.17 -6.05
CA MET C 265 22.02 34.66 -7.30
C MET C 265 21.51 35.78 -8.20
N PHE C 266 20.94 36.83 -7.61
CA PHE C 266 20.25 37.85 -8.39
C PHE C 266 21.02 39.16 -8.48
N GLY C 267 22.30 39.16 -8.12
CA GLY C 267 23.21 40.23 -8.52
C GLY C 267 23.50 41.30 -7.50
N ASP C 268 22.96 41.22 -6.29
CA ASP C 268 23.10 42.28 -5.31
C ASP C 268 24.36 42.13 -4.44
N THR C 269 25.24 41.18 -4.77
CA THR C 269 26.45 40.96 -4.00
C THR C 269 27.71 41.32 -4.79
N ASP C 270 27.88 40.75 -5.98
CA ASP C 270 29.06 41.03 -6.80
C ASP C 270 28.67 41.44 -8.21
N GLY C 271 27.45 41.90 -8.42
CA GLY C 271 26.99 42.30 -9.73
C GLY C 271 26.73 41.16 -10.71
N LYS C 272 27.15 39.95 -10.39
CA LYS C 272 26.94 38.78 -11.24
C LYS C 272 25.62 38.09 -10.88
N ARG C 273 25.01 37.45 -11.88
CA ARG C 273 23.71 36.83 -11.74
C ARG C 273 23.76 35.35 -12.08
N ASP C 274 22.89 34.58 -11.42
CA ASP C 274 22.81 33.16 -11.69
C ASP C 274 22.53 32.91 -13.17
N ALA C 275 23.28 31.98 -13.77
CA ALA C 275 23.14 31.70 -15.19
C ALA C 275 21.83 31.00 -15.53
N MET C 276 21.12 30.45 -14.54
CA MET C 276 19.85 29.80 -14.84
C MET C 276 18.80 30.79 -15.33
N LEU C 277 18.99 32.09 -15.08
CA LEU C 277 18.05 33.08 -15.58
C LEU C 277 18.02 33.12 -17.11
N ARG C 278 18.92 32.40 -17.78
CA ARG C 278 18.88 32.32 -19.23
C ARG C 278 17.71 31.46 -19.74
N PHE C 279 17.11 30.64 -18.87
CA PHE C 279 15.99 29.82 -19.34
C PHE C 279 14.80 29.78 -18.39
N THR C 280 14.93 30.24 -17.14
CA THR C 280 13.83 30.16 -16.20
C THR C 280 13.80 31.43 -15.36
N LYS C 281 12.64 31.70 -14.77
CA LYS C 281 12.46 32.92 -14.01
C LYS C 281 11.55 32.66 -12.82
N PRO C 282 11.83 33.29 -11.69
CA PRO C 282 10.91 33.21 -10.55
C PRO C 282 9.76 34.18 -10.73
N VAL C 283 8.58 33.78 -10.26
CA VAL C 283 7.39 34.61 -10.46
C VAL C 283 6.68 34.83 -9.14
N THR C 284 7.14 34.15 -8.08
CA THR C 284 6.61 34.33 -6.74
C THR C 284 7.77 34.36 -5.76
N GLY C 285 7.50 34.84 -4.56
CA GLY C 285 8.52 34.83 -3.53
C GLY C 285 8.03 35.32 -2.18
N GLY C 286 8.27 34.56 -1.13
CA GLY C 286 7.83 34.94 0.20
C GLY C 286 8.66 34.30 1.27
N TYR C 287 8.69 34.95 2.43
CA TYR C 287 9.33 34.44 3.64
C TYR C 287 8.27 34.11 4.68
N TYR C 288 8.51 33.05 5.44
CA TYR C 288 7.56 32.57 6.44
C TYR C 288 8.32 31.97 7.61
N PHE C 289 7.77 32.14 8.81
CA PHE C 289 8.30 31.50 10.00
C PHE C 289 7.41 30.34 10.41
N ALA C 290 8.01 29.14 10.49
CA ALA C 290 7.30 27.95 10.90
C ALA C 290 7.52 27.70 12.38
N PRO C 291 6.55 27.93 13.26
CA PRO C 291 6.77 27.70 14.68
C PRO C 291 6.90 26.21 14.96
N SER C 292 7.37 25.90 16.17
CA SER C 292 7.37 24.52 16.63
C SER C 292 5.94 24.00 16.66
N LEU C 293 5.80 22.68 16.52
CA LEU C 293 4.47 22.06 16.66
C LEU C 293 3.87 22.40 18.01
N ASP C 294 4.70 22.52 19.04
CA ASP C 294 4.23 22.95 20.35
C ASP C 294 3.66 24.37 20.29
N LYS C 295 4.45 25.33 19.80
CA LYS C 295 4.02 26.72 19.79
C LYS C 295 2.80 26.93 18.89
N LEU C 296 2.57 26.04 17.92
CA LEU C 296 1.35 26.06 17.13
C LEU C 296 0.14 25.77 18.03
N MET C 297 0.39 25.76 19.34
CA MET C 297 -0.64 25.51 20.36
C MET C 297 -1.37 24.21 20.07
N ALA C 298 -0.63 23.25 19.50
CA ALA C 298 -1.15 21.93 19.15
C ALA C 298 -0.02 20.97 18.80
N GLN D 3 -25.35 -10.70 -3.63
CA GLN D 3 -25.97 -12.01 -3.43
C GLN D 3 -24.96 -13.02 -2.88
N VAL D 4 -23.95 -13.32 -3.68
CA VAL D 4 -22.94 -14.31 -3.34
C VAL D 4 -22.00 -13.74 -2.29
N GLN D 5 -21.50 -14.61 -1.39
CA GLN D 5 -20.48 -14.17 -0.45
C GLN D 5 -19.17 -13.90 -1.19
N SER D 6 -18.39 -12.95 -0.66
CA SER D 6 -17.33 -12.26 -1.39
C SER D 6 -16.04 -13.07 -1.55
N GLY D 7 -15.89 -14.21 -0.88
CA GLY D 7 -14.61 -14.90 -0.85
C GLY D 7 -14.54 -16.19 -1.64
N ILE D 8 -15.61 -16.54 -2.37
CA ILE D 8 -15.57 -17.72 -3.20
C ILE D 8 -14.87 -17.43 -4.51
N LEU D 9 -15.30 -16.40 -5.21
CA LEU D 9 -14.85 -16.11 -6.57
C LEU D 9 -13.46 -15.47 -6.71
N PRO D 10 -12.97 -14.63 -5.79
CA PRO D 10 -11.67 -13.97 -6.04
C PRO D 10 -10.54 -14.96 -6.22
N GLU D 11 -9.63 -14.63 -7.13
CA GLU D 11 -8.51 -15.50 -7.46
C GLU D 11 -7.20 -14.92 -6.94
N HIS D 12 -6.23 -15.83 -6.74
CA HIS D 12 -4.83 -15.49 -6.50
C HIS D 12 -4.58 -14.81 -5.17
N CYS D 13 -5.39 -15.12 -4.15
CA CYS D 13 -5.10 -14.61 -2.81
C CYS D 13 -3.68 -15.00 -2.41
N ARG D 14 -3.05 -14.17 -1.59
CA ARG D 14 -1.72 -14.51 -1.10
C ARG D 14 -1.73 -15.03 0.34
N ALA D 15 -2.81 -14.85 1.08
CA ALA D 15 -2.90 -15.32 2.44
C ALA D 15 -4.36 -15.62 2.76
N ALA D 16 -4.58 -16.55 3.69
CA ALA D 16 -5.94 -16.86 4.09
C ALA D 16 -5.96 -17.35 5.53
N ILE D 17 -7.06 -17.10 6.21
CA ILE D 17 -7.35 -17.68 7.51
C ILE D 17 -8.59 -18.55 7.40
N TRP D 18 -8.52 -19.76 7.93
CA TRP D 18 -9.67 -20.64 8.05
C TRP D 18 -9.94 -20.90 9.53
N ILE D 19 -11.16 -20.61 9.97
CA ILE D 19 -11.60 -20.90 11.32
C ILE D 19 -12.68 -21.98 11.25
N GLU D 20 -12.44 -23.08 11.95
CA GLU D 20 -13.43 -24.15 12.13
C GLU D 20 -13.86 -24.20 13.58
N ALA D 21 -15.16 -24.29 13.82
CA ALA D 21 -15.65 -24.25 15.20
C ALA D 21 -16.97 -25.01 15.32
N ASN D 22 -17.28 -25.38 16.56
CA ASN D 22 -18.59 -25.89 16.94
C ASN D 22 -19.35 -24.83 17.71
N VAL D 23 -20.69 -24.95 17.68
CA VAL D 23 -21.55 -23.99 18.35
C VAL D 23 -21.37 -24.11 19.85
N LYS D 24 -21.23 -22.97 20.53
CA LYS D 24 -21.19 -22.89 21.98
C LYS D 24 -22.51 -22.30 22.47
N GLY D 25 -23.27 -23.07 23.23
CA GLY D 25 -24.56 -22.60 23.69
C GLY D 25 -25.63 -22.74 22.63
N GLU D 26 -26.53 -21.77 22.55
CA GLU D 26 -27.70 -21.88 21.68
C GLU D 26 -27.36 -21.46 20.25
N VAL D 27 -27.88 -22.22 19.29
CA VAL D 27 -27.57 -22.02 17.88
C VAL D 27 -28.11 -20.70 17.35
N ASP D 28 -29.17 -20.16 17.98
CA ASP D 28 -29.76 -18.92 17.49
C ASP D 28 -28.78 -17.75 17.56
N ALA D 29 -27.77 -17.82 18.43
CA ALA D 29 -26.80 -16.74 18.53
C ALA D 29 -26.01 -16.56 17.24
N LEU D 30 -26.00 -17.58 16.38
CA LEU D 30 -25.34 -17.45 15.09
C LEU D 30 -26.00 -16.41 14.21
N ARG D 31 -27.29 -16.16 14.41
CA ARG D 31 -28.02 -15.23 13.54
C ARG D 31 -27.47 -13.81 13.66
N ALA D 32 -27.49 -13.25 14.87
CA ALA D 32 -26.99 -11.90 15.06
C ALA D 32 -25.48 -11.83 14.81
N ALA D 33 -24.74 -12.87 15.21
CA ALA D 33 -23.30 -12.88 14.99
C ALA D 33 -22.97 -12.81 13.51
N SER D 34 -23.75 -13.51 12.68
CA SER D 34 -23.48 -13.47 11.25
C SER D 34 -23.79 -12.10 10.66
N LYS D 35 -24.80 -11.40 11.20
CA LYS D 35 -25.12 -10.07 10.71
C LYS D 35 -24.00 -9.09 11.05
N THR D 36 -23.59 -9.05 12.32
CA THR D 36 -22.54 -8.14 12.74
C THR D 36 -21.27 -8.35 11.91
N PHE D 37 -20.88 -9.61 11.71
CA PHE D 37 -19.65 -9.89 10.99
C PHE D 37 -19.75 -9.46 9.53
N ALA D 38 -20.89 -9.73 8.90
CA ALA D 38 -21.06 -9.36 7.50
C ALA D 38 -21.01 -7.85 7.31
N ASP D 39 -21.57 -7.09 8.26
CA ASP D 39 -21.46 -5.64 8.20
C ASP D 39 -20.02 -5.18 8.31
N LYS D 40 -19.30 -5.65 9.35
CA LYS D 40 -17.89 -5.31 9.52
C LYS D 40 -17.08 -5.70 8.29
N LEU D 41 -17.32 -6.90 7.75
CA LEU D 41 -16.64 -7.36 6.55
C LEU D 41 -16.80 -6.36 5.42
N ALA D 42 -18.02 -5.88 5.21
CA ALA D 42 -18.29 -4.99 4.11
C ALA D 42 -17.47 -3.71 4.22
N THR D 43 -17.41 -3.12 5.42
CA THR D 43 -16.61 -1.91 5.56
C THR D 43 -15.12 -2.20 5.44
N PHE D 44 -14.66 -3.36 5.95
CA PHE D 44 -13.28 -3.76 5.72
C PHE D 44 -12.97 -3.84 4.24
N GLU D 45 -13.88 -4.41 3.44
CA GLU D 45 -13.62 -4.55 2.01
C GLU D 45 -13.57 -3.20 1.33
N ALA D 46 -14.35 -2.23 1.79
CA ALA D 46 -14.32 -0.88 1.24
C ALA D 46 -13.16 -0.07 1.79
N LYS D 47 -12.62 -0.46 2.94
CA LYS D 47 -11.46 0.24 3.49
C LYS D 47 -10.18 -0.18 2.79
N PHE D 48 -10.06 -1.43 2.37
CA PHE D 48 -8.83 -1.94 1.77
C PHE D 48 -9.13 -2.53 0.38
N PRO D 49 -9.50 -1.69 -0.60
CA PRO D 49 -9.77 -2.22 -1.93
C PRO D 49 -8.55 -2.86 -2.54
N ASP D 50 -7.37 -2.34 -2.20
CA ASP D 50 -6.10 -2.85 -2.67
C ASP D 50 -5.80 -4.29 -2.21
N ALA D 51 -6.51 -4.79 -1.19
CA ALA D 51 -6.16 -6.10 -0.64
C ALA D 51 -6.95 -7.26 -1.25
N HIS D 52 -8.01 -6.98 -2.02
CA HIS D 52 -8.85 -8.02 -2.63
C HIS D 52 -9.43 -8.95 -1.56
N LEU D 53 -10.06 -8.35 -0.56
CA LEU D 53 -10.59 -9.07 0.59
C LEU D 53 -11.87 -9.82 0.24
N GLY D 54 -11.97 -11.05 0.72
CA GLY D 54 -13.23 -11.78 0.73
C GLY D 54 -13.29 -12.68 1.95
N ALA D 55 -14.51 -13.08 2.32
CA ALA D 55 -14.72 -13.91 3.52
C ALA D 55 -16.02 -14.68 3.37
N VAL D 56 -16.01 -15.96 3.76
CA VAL D 56 -17.18 -16.82 3.62
C VAL D 56 -17.51 -17.43 4.97
N VAL D 57 -18.79 -17.38 5.33
CA VAL D 57 -19.29 -18.06 6.52
C VAL D 57 -20.18 -19.20 6.04
N ALA D 58 -19.85 -20.42 6.45
CA ALA D 58 -20.55 -21.61 6.01
C ALA D 58 -20.79 -22.50 7.21
N PHE D 59 -21.85 -23.30 7.14
CA PHE D 59 -22.35 -24.01 8.31
C PHE D 59 -22.45 -25.51 8.03
N GLY D 60 -22.40 -26.28 9.13
CA GLY D 60 -22.52 -27.72 9.06
C GLY D 60 -23.97 -28.19 9.07
N ASN D 61 -24.15 -29.50 8.89
CA ASN D 61 -25.46 -30.04 8.57
C ASN D 61 -26.46 -29.75 9.68
N ASN D 62 -26.21 -30.29 10.88
CA ASN D 62 -27.09 -30.06 12.03
C ASN D 62 -27.32 -28.57 12.25
N THR D 63 -26.24 -27.80 12.26
CA THR D 63 -26.35 -26.38 12.54
C THR D 63 -27.15 -25.66 11.46
N TRP D 64 -26.88 -25.96 10.19
CA TRP D 64 -27.62 -25.29 9.12
C TRP D 64 -29.06 -25.74 9.08
N ARG D 65 -29.33 -27.02 9.35
CA ARG D 65 -30.70 -27.49 9.41
C ARG D 65 -31.51 -26.71 10.44
N ALA D 66 -30.91 -26.44 11.60
CA ALA D 66 -31.61 -25.66 12.62
C ALA D 66 -31.82 -24.21 12.17
N LEU D 67 -30.84 -23.65 11.46
CA LEU D 67 -30.93 -22.25 11.03
C LEU D 67 -31.72 -22.06 9.75
N SER D 68 -31.93 -23.12 8.96
CA SER D 68 -32.46 -22.94 7.61
C SER D 68 -33.92 -22.46 7.62
N GLY D 69 -34.87 -23.23 8.20
CA GLY D 69 -34.67 -24.49 8.88
C GLY D 69 -35.91 -25.38 8.87
N GLY D 70 -35.83 -26.54 8.22
CA GLY D 70 -34.65 -26.95 7.48
C GLY D 70 -34.90 -26.92 5.97
N VAL D 71 -35.08 -25.72 5.43
CA VAL D 71 -35.39 -25.55 4.03
C VAL D 71 -34.11 -25.57 3.21
N GLY D 72 -34.15 -26.25 2.06
CA GLY D 72 -33.05 -26.21 1.11
C GLY D 72 -31.80 -26.96 1.58
N ALA D 73 -30.76 -26.85 0.74
CA ALA D 73 -29.46 -27.47 1.00
C ALA D 73 -29.59 -28.97 1.25
N GLU D 74 -30.39 -29.62 0.42
CA GLU D 74 -30.69 -31.04 0.61
C GLU D 74 -29.44 -31.90 0.43
N GLU D 75 -28.51 -31.45 -0.42
CA GLU D 75 -27.27 -32.18 -0.62
C GLU D 75 -26.38 -32.20 0.62
N LEU D 76 -26.60 -31.29 1.56
CA LEU D 76 -25.70 -31.17 2.70
C LEU D 76 -25.88 -32.32 3.69
N LYS D 77 -24.79 -32.74 4.29
CA LYS D 77 -24.74 -33.82 5.28
C LYS D 77 -23.39 -33.79 5.97
N ASP D 78 -23.32 -34.45 7.12
CA ASP D 78 -22.05 -34.60 7.83
C ASP D 78 -21.01 -35.25 6.92
N PHE D 79 -19.80 -34.72 6.95
CA PHE D 79 -18.70 -35.31 6.17
C PHE D 79 -18.49 -36.75 6.60
N PRO D 80 -18.67 -37.73 5.73
CA PRO D 80 -18.44 -39.12 6.09
C PRO D 80 -16.94 -39.42 6.00
N GLY D 81 -16.60 -40.66 6.31
CA GLY D 81 -15.25 -41.09 6.02
C GLY D 81 -15.07 -41.34 4.55
N TYR D 82 -13.82 -41.55 4.15
CA TYR D 82 -13.53 -42.03 2.80
C TYR D 82 -12.34 -42.97 2.88
N GLY D 83 -12.51 -44.20 2.41
CA GLY D 83 -11.45 -45.18 2.43
C GLY D 83 -11.13 -45.69 3.82
N LYS D 84 -12.15 -46.14 4.53
CA LYS D 84 -12.07 -46.67 5.89
C LYS D 84 -11.06 -45.90 6.75
N GLY D 85 -11.33 -44.60 6.87
CA GLY D 85 -10.53 -43.74 7.72
C GLY D 85 -9.31 -43.14 7.06
N LEU D 86 -8.99 -43.53 5.82
CA LEU D 86 -7.85 -42.93 5.14
C LEU D 86 -8.06 -41.44 4.93
N ALA D 87 -9.31 -40.99 4.77
CA ALA D 87 -9.68 -39.59 4.88
C ALA D 87 -10.55 -39.45 6.12
N PRO D 88 -10.02 -38.96 7.24
CA PRO D 88 -10.80 -38.93 8.47
C PRO D 88 -11.91 -37.89 8.38
N THR D 89 -12.87 -38.00 9.29
CA THR D 89 -13.94 -37.02 9.40
C THR D 89 -13.77 -36.20 10.67
N THR D 90 -13.74 -34.87 10.50
CA THR D 90 -13.74 -33.93 11.62
C THR D 90 -14.76 -32.83 11.33
N GLN D 91 -16.03 -33.23 11.27
CA GLN D 91 -17.10 -32.29 10.96
C GLN D 91 -17.31 -31.32 12.11
N PHE D 92 -17.38 -30.03 11.79
CA PHE D 92 -17.68 -29.01 12.79
C PHE D 92 -18.93 -28.25 12.36
N ASP D 93 -19.32 -27.29 13.18
CA ASP D 93 -20.58 -26.57 12.99
C ASP D 93 -20.44 -25.33 12.13
N VAL D 94 -19.34 -24.58 12.28
CA VAL D 94 -19.18 -23.30 11.59
C VAL D 94 -17.81 -23.25 10.93
N LEU D 95 -17.78 -22.76 9.68
CA LEU D 95 -16.53 -22.52 8.97
C LEU D 95 -16.47 -21.06 8.55
N ILE D 96 -15.35 -20.39 8.85
CA ILE D 96 -15.11 -19.02 8.42
C ILE D 96 -13.81 -18.99 7.64
N HIS D 97 -13.88 -18.56 6.38
CA HIS D 97 -12.75 -18.55 5.45
C HIS D 97 -12.55 -17.11 4.99
N ILE D 98 -11.37 -16.56 5.29
CA ILE D 98 -11.01 -15.20 4.97
C ILE D 98 -9.78 -15.23 4.05
N LEU D 99 -9.82 -14.47 2.96
CA LEU D 99 -8.71 -14.51 2.02
C LEU D 99 -8.48 -13.12 1.43
N SER D 100 -7.23 -12.80 1.16
CA SER D 100 -6.87 -11.52 0.56
C SER D 100 -5.42 -11.59 0.13
N LEU D 101 -4.89 -10.47 -0.30
CA LEU D 101 -3.47 -10.33 -0.60
C LEU D 101 -2.63 -10.00 0.63
N ARG D 102 -3.23 -9.72 1.78
CA ARG D 102 -2.49 -9.16 2.90
C ARG D 102 -2.78 -9.92 4.19
N HIS D 103 -1.71 -10.43 4.82
CA HIS D 103 -1.85 -11.03 6.14
C HIS D 103 -2.47 -10.06 7.14
N ASP D 104 -2.06 -8.79 7.13
CA ASP D 104 -2.46 -7.89 8.20
C ASP D 104 -3.95 -7.60 8.13
N VAL D 105 -4.50 -7.43 6.93
CA VAL D 105 -5.93 -7.25 6.78
C VAL D 105 -6.68 -8.52 7.16
N ASN D 106 -6.19 -9.68 6.70
CA ASN D 106 -6.81 -10.95 7.09
C ASN D 106 -6.95 -11.07 8.60
N PHE D 107 -5.94 -10.60 9.35
CA PHE D 107 -6.00 -10.74 10.79
C PHE D 107 -7.07 -9.82 11.41
N SER D 108 -7.23 -8.61 10.87
CA SER D 108 -8.26 -7.73 11.41
C SER D 108 -9.65 -8.31 11.18
N VAL D 109 -9.84 -8.99 10.04
CA VAL D 109 -11.15 -9.57 9.76
C VAL D 109 -11.40 -10.80 10.62
N ALA D 110 -10.37 -11.64 10.80
CA ALA D 110 -10.54 -12.77 11.71
C ALA D 110 -10.82 -12.30 13.13
N GLN D 111 -10.18 -11.20 13.56
CA GLN D 111 -10.49 -10.65 14.86
C GLN D 111 -11.93 -10.15 14.93
N ALA D 112 -12.40 -9.49 13.87
CA ALA D 112 -13.80 -9.12 13.77
C ALA D 112 -14.71 -10.34 13.81
N ALA D 113 -14.28 -11.45 13.20
CA ALA D 113 -15.09 -12.66 13.27
C ALA D 113 -15.20 -13.15 14.71
N MET D 114 -14.11 -13.07 15.47
CA MET D 114 -14.13 -13.60 16.84
C MET D 114 -14.89 -12.69 17.79
N GLU D 115 -14.96 -11.38 17.55
CA GLU D 115 -15.79 -10.55 18.42
C GLU D 115 -17.27 -10.77 18.14
N ALA D 116 -17.64 -11.14 16.90
CA ALA D 116 -19.03 -11.44 16.57
C ALA D 116 -19.44 -12.82 17.07
N PHE D 117 -18.64 -13.85 16.81
CA PHE D 117 -18.97 -15.24 17.10
C PHE D 117 -18.37 -15.76 18.41
N GLY D 118 -17.51 -14.98 19.07
CA GLY D 118 -16.70 -15.53 20.15
C GLY D 118 -17.49 -16.11 21.29
N ASP D 119 -18.68 -15.58 21.56
CA ASP D 119 -19.49 -16.05 22.68
C ASP D 119 -20.42 -17.20 22.29
N CYS D 120 -20.42 -17.63 21.03
CA CYS D 120 -21.30 -18.72 20.64
C CYS D 120 -20.60 -19.79 19.79
N ILE D 121 -19.27 -19.78 19.70
CA ILE D 121 -18.56 -20.86 19.02
C ILE D 121 -17.36 -21.27 19.86
N GLU D 122 -16.90 -22.49 19.61
CA GLU D 122 -15.70 -23.04 20.22
C GLU D 122 -14.76 -23.43 19.09
N VAL D 123 -13.70 -22.64 18.90
CA VAL D 123 -12.81 -22.84 17.77
C VAL D 123 -12.03 -24.13 17.93
N LYS D 124 -12.10 -24.99 16.91
CA LYS D 124 -11.40 -26.26 16.84
C LYS D 124 -10.05 -26.16 16.13
N GLU D 125 -9.95 -25.34 15.09
CA GLU D 125 -8.64 -25.04 14.52
C GLU D 125 -8.73 -23.73 13.75
N GLU D 126 -7.64 -22.96 13.81
CA GLU D 126 -7.47 -21.77 12.99
C GLU D 126 -6.17 -21.95 12.22
N ILE D 127 -6.28 -22.04 10.90
CA ILE D 127 -5.14 -22.29 10.03
C ILE D 127 -4.89 -21.02 9.23
N HIS D 128 -3.61 -20.65 9.13
CA HIS D 128 -3.16 -19.45 8.43
C HIS D 128 -2.39 -19.90 7.18
N GLY D 129 -3.06 -19.84 6.04
CA GLY D 129 -2.44 -20.27 4.81
C GLY D 129 -1.68 -19.14 4.13
N PHE D 130 -0.64 -19.52 3.37
CA PHE D 130 0.12 -18.54 2.62
C PHE D 130 0.46 -19.12 1.25
N ARG D 131 0.41 -18.27 0.24
CA ARG D 131 0.89 -18.65 -1.08
C ARG D 131 2.41 -18.72 -1.03
N TRP D 132 2.97 -19.83 -1.49
CA TRP D 132 4.42 -19.98 -1.47
C TRP D 132 5.00 -19.47 -2.79
N VAL D 133 6.33 -19.53 -2.90
CA VAL D 133 7.01 -19.06 -4.10
C VAL D 133 6.49 -19.82 -5.32
N GLU D 134 6.23 -19.07 -6.40
CA GLU D 134 5.78 -19.63 -7.67
C GLU D 134 4.47 -20.39 -7.54
N GLU D 135 3.67 -20.05 -6.54
CA GLU D 135 2.39 -20.71 -6.24
C GLU D 135 2.53 -22.22 -6.09
N ARG D 136 3.72 -22.69 -5.73
CA ARG D 136 3.94 -24.13 -5.61
C ARG D 136 3.50 -24.62 -4.24
N ASP D 137 2.88 -25.80 -4.23
CA ASP D 137 2.70 -26.54 -2.99
C ASP D 137 4.06 -26.81 -2.35
N LEU D 138 4.06 -27.03 -1.02
CA LEU D 138 5.32 -27.32 -0.35
C LEU D 138 5.99 -28.57 -0.91
N SER D 139 5.23 -29.42 -1.62
CA SER D 139 5.80 -30.55 -2.35
C SER D 139 6.65 -30.13 -3.54
N GLY D 140 6.68 -28.84 -3.88
CA GLY D 140 7.42 -28.39 -5.03
C GLY D 140 6.63 -28.39 -6.32
N PHE D 141 5.36 -28.77 -6.28
CA PHE D 141 4.50 -28.79 -7.45
C PHE D 141 3.57 -27.58 -7.45
N VAL D 142 3.42 -26.97 -8.62
CA VAL D 142 2.51 -25.84 -8.76
C VAL D 142 1.09 -26.30 -8.49
N ASP D 143 0.38 -25.55 -7.66
CA ASP D 143 -0.98 -25.90 -7.25
C ASP D 143 -1.94 -24.82 -7.69
N GLY D 144 -2.98 -25.22 -8.43
CA GLY D 144 -4.07 -24.32 -8.79
C GLY D 144 -4.15 -24.00 -10.27
N THR D 145 -3.27 -24.57 -11.09
CA THR D 145 -3.21 -24.21 -12.51
C THR D 145 -4.56 -24.39 -13.20
N GLU D 146 -5.15 -25.58 -13.09
CA GLU D 146 -6.37 -25.92 -13.81
C GLU D 146 -7.64 -25.50 -13.07
N ASN D 147 -7.53 -24.63 -12.08
CA ASN D 147 -8.70 -24.04 -11.46
C ASN D 147 -9.49 -23.24 -12.50
N PRO D 148 -10.81 -23.14 -12.35
CA PRO D 148 -11.59 -22.31 -13.28
C PRO D 148 -11.19 -20.84 -13.16
N ALA D 149 -11.41 -20.11 -14.25
CA ALA D 149 -11.04 -18.70 -14.37
C ALA D 149 -11.71 -18.12 -15.61
N GLY D 150 -12.31 -16.94 -15.47
CA GLY D 150 -12.34 -16.19 -14.23
C GLY D 150 -13.75 -16.03 -13.69
N GLU D 151 -14.21 -14.79 -13.59
CA GLU D 151 -15.46 -14.51 -12.87
C GLU D 151 -16.63 -15.36 -13.39
N GLU D 152 -16.87 -15.33 -14.70
CA GLU D 152 -18.04 -16.02 -15.25
C GLU D 152 -17.97 -17.52 -14.97
N THR D 153 -16.84 -18.15 -15.32
CA THR D 153 -16.71 -19.59 -15.17
C THR D 153 -16.78 -20.01 -13.71
N ARG D 154 -15.96 -19.38 -12.85
CA ARG D 154 -15.95 -19.72 -11.43
C ARG D 154 -17.35 -19.58 -10.84
N ARG D 155 -18.09 -18.57 -11.29
CA ARG D 155 -19.48 -18.43 -10.90
C ARG D 155 -20.29 -19.67 -11.25
N GLU D 156 -20.24 -20.09 -12.52
CA GLU D 156 -21.05 -21.23 -12.96
C GLU D 156 -20.66 -22.52 -12.23
N VAL D 157 -19.41 -22.62 -11.79
CA VAL D 157 -18.94 -23.83 -11.10
C VAL D 157 -19.29 -23.82 -9.62
N ALA D 158 -19.21 -22.66 -8.95
CA ALA D 158 -19.23 -22.60 -7.49
C ALA D 158 -20.57 -22.20 -6.89
N VAL D 159 -21.29 -21.25 -7.49
CA VAL D 159 -22.47 -20.66 -6.84
C VAL D 159 -23.74 -21.25 -7.44
N ILE D 160 -24.70 -21.56 -6.56
CA ILE D 160 -25.98 -22.11 -6.97
C ILE D 160 -26.76 -21.05 -7.73
N LYS D 161 -27.32 -21.45 -8.89
CA LYS D 161 -27.96 -20.49 -9.79
C LYS D 161 -29.37 -20.11 -9.31
N ASP D 162 -30.23 -21.12 -9.10
CA ASP D 162 -31.60 -20.76 -8.77
C ASP D 162 -32.06 -21.39 -7.47
N GLY D 163 -33.36 -21.35 -7.22
CA GLY D 163 -33.94 -21.97 -6.05
C GLY D 163 -33.73 -21.17 -4.77
N VAL D 164 -34.08 -21.80 -3.65
CA VAL D 164 -33.97 -21.13 -2.36
C VAL D 164 -32.52 -20.89 -1.98
N ASP D 165 -31.61 -21.71 -2.50
CA ASP D 165 -30.18 -21.59 -2.21
C ASP D 165 -29.43 -20.80 -3.27
N ALA D 166 -30.14 -20.01 -4.06
CA ALA D 166 -29.48 -19.16 -5.04
C ALA D 166 -28.52 -18.20 -4.34
N GLY D 167 -27.31 -18.08 -4.88
CA GLY D 167 -26.24 -17.36 -4.21
C GLY D 167 -25.42 -18.20 -3.24
N GLY D 168 -25.83 -19.44 -2.98
CA GLY D 168 -25.14 -20.30 -2.04
C GLY D 168 -24.06 -21.15 -2.69
N SER D 169 -23.37 -21.92 -1.85
CA SER D 169 -22.31 -22.80 -2.32
C SER D 169 -22.02 -23.87 -1.27
N TYR D 170 -21.47 -25.00 -1.73
CA TYR D 170 -21.02 -26.08 -0.86
C TYR D 170 -19.51 -26.09 -0.80
N VAL D 171 -18.96 -26.31 0.38
CA VAL D 171 -17.53 -26.15 0.58
C VAL D 171 -16.96 -27.36 1.33
N PHE D 172 -15.76 -27.77 0.95
CA PHE D 172 -15.04 -28.88 1.54
C PHE D 172 -13.67 -28.38 1.98
N VAL D 173 -13.30 -28.69 3.22
CA VAL D 173 -12.00 -28.31 3.77
C VAL D 173 -11.32 -29.56 4.31
N GLN D 174 -10.02 -29.67 4.06
CA GLN D 174 -9.27 -30.86 4.44
C GLN D 174 -7.81 -30.45 4.60
N ARG D 175 -7.28 -30.56 5.81
CA ARG D 175 -5.90 -30.19 6.09
C ARG D 175 -5.00 -31.42 5.95
N TRP D 176 -3.96 -31.29 5.15
CA TRP D 176 -3.00 -32.37 4.95
C TRP D 176 -1.69 -32.01 5.66
N GLU D 177 -1.02 -33.02 6.20
CA GLU D 177 0.27 -32.84 6.83
C GLU D 177 1.31 -33.51 5.94
N HIS D 178 2.20 -32.71 5.38
CA HIS D 178 3.25 -33.23 4.51
C HIS D 178 4.35 -33.86 5.33
N ASN D 179 4.86 -34.98 4.85
CA ASN D 179 6.10 -35.57 5.33
C ASN D 179 7.13 -35.27 4.24
N LEU D 180 7.83 -34.14 4.38
CA LEU D 180 8.82 -33.75 3.37
C LEU D 180 10.08 -34.61 3.41
N LYS D 181 10.15 -35.58 4.32
CA LYS D 181 11.20 -36.59 4.27
C LYS D 181 10.80 -37.76 3.38
N GLN D 182 9.54 -38.20 3.48
CA GLN D 182 9.08 -39.29 2.64
C GLN D 182 9.03 -38.88 1.17
N LEU D 183 8.58 -37.66 0.89
CA LEU D 183 8.45 -37.22 -0.50
C LEU D 183 9.82 -37.12 -1.17
N ASN D 184 10.81 -36.64 -0.43
CA ASN D 184 12.14 -36.44 -0.99
C ASN D 184 12.96 -37.72 -1.04
N ARG D 185 12.34 -38.87 -0.83
CA ARG D 185 12.94 -40.14 -1.22
C ARG D 185 12.54 -40.52 -2.64
N MET D 186 11.42 -39.99 -3.13
CA MET D 186 10.97 -40.27 -4.48
C MET D 186 11.75 -39.46 -5.50
N SER D 187 11.91 -40.04 -6.68
CA SER D 187 12.53 -39.31 -7.78
C SER D 187 11.54 -38.31 -8.35
N VAL D 188 12.08 -37.33 -9.09
CA VAL D 188 11.20 -36.38 -9.75
C VAL D 188 10.15 -37.13 -10.57
N HIS D 189 10.59 -38.11 -11.39
CA HIS D 189 9.68 -38.82 -12.30
C HIS D 189 8.50 -39.42 -11.55
N ASP D 190 8.75 -40.16 -10.47
CA ASP D 190 7.65 -40.82 -9.77
C ASP D 190 6.78 -39.84 -9.01
N GLN D 191 7.37 -38.77 -8.47
CA GLN D 191 6.56 -37.65 -8.00
C GLN D 191 5.72 -37.09 -9.14
N GLU D 192 6.30 -37.05 -10.34
CA GLU D 192 5.56 -36.61 -11.51
C GLU D 192 4.40 -37.56 -11.82
N MET D 193 4.66 -38.87 -11.71
CA MET D 193 3.64 -39.89 -11.90
C MET D 193 2.68 -39.98 -10.72
N MET D 194 3.10 -39.48 -9.55
CA MET D 194 2.18 -39.37 -8.42
C MET D 194 1.16 -38.27 -8.65
N ILE D 195 1.57 -37.17 -9.29
CA ILE D 195 0.69 -36.03 -9.51
C ILE D 195 -0.06 -36.14 -10.82
N GLY D 196 0.66 -36.34 -11.92
CA GLY D 196 0.09 -36.29 -13.24
C GLY D 196 0.57 -35.11 -14.09
N ARG D 197 1.44 -34.26 -13.56
CA ARG D 197 2.00 -33.12 -14.27
C ARG D 197 3.49 -33.10 -14.01
N THR D 198 4.23 -32.40 -14.87
CA THR D 198 5.68 -32.36 -14.69
C THR D 198 6.08 -31.33 -13.63
N LYS D 199 7.17 -31.60 -12.91
CA LYS D 199 7.55 -30.84 -11.72
C LYS D 199 7.73 -29.35 -11.95
N GLU D 200 8.87 -28.97 -12.52
CA GLU D 200 9.19 -27.57 -12.74
C GLU D 200 8.39 -26.99 -13.90
N ALA D 201 8.11 -27.78 -14.93
CA ALA D 201 7.45 -27.25 -16.12
C ALA D 201 5.94 -27.15 -15.96
N ASN D 202 5.34 -27.98 -15.09
CA ASN D 202 3.90 -27.94 -14.80
C ASN D 202 3.07 -28.12 -16.07
N GLU D 203 3.32 -29.24 -16.75
CA GLU D 203 2.60 -29.64 -17.96
C GLU D 203 1.87 -30.93 -17.69
N GLU D 204 0.60 -30.98 -18.08
CA GLU D 204 -0.20 -32.16 -17.80
C GLU D 204 0.25 -33.32 -18.67
N ILE D 205 0.62 -34.43 -18.04
CA ILE D 205 1.01 -35.63 -18.76
C ILE D 205 -0.24 -36.39 -19.18
N ASP D 206 -0.19 -36.98 -20.38
CA ASP D 206 -1.40 -37.53 -20.99
C ASP D 206 -1.95 -38.69 -20.17
N GLY D 207 -3.28 -38.79 -20.14
CA GLY D 207 -3.97 -39.87 -19.46
C GLY D 207 -3.88 -41.18 -20.22
N ASP D 208 -2.66 -41.72 -20.28
CA ASP D 208 -2.26 -42.88 -21.05
C ASP D 208 -0.78 -43.07 -20.77
N GLU D 209 -0.18 -41.98 -20.31
CA GLU D 209 1.21 -41.89 -19.91
C GLU D 209 1.36 -41.93 -18.39
N ARG D 210 0.32 -42.36 -17.68
CA ARG D 210 0.14 -41.90 -16.32
C ARG D 210 -0.67 -42.90 -15.51
N PRO D 211 -0.14 -43.40 -14.39
CA PRO D 211 -0.85 -44.44 -13.63
C PRO D 211 -2.21 -43.94 -13.16
N GLU D 212 -3.16 -44.86 -13.07
CA GLU D 212 -4.51 -44.45 -12.67
C GLU D 212 -4.59 -44.09 -11.19
N THR D 213 -3.50 -44.25 -10.44
CA THR D 213 -3.35 -43.72 -9.09
C THR D 213 -2.92 -42.26 -9.09
N SER D 214 -2.46 -41.73 -10.22
CA SER D 214 -1.98 -40.36 -10.26
C SER D 214 -3.07 -39.41 -9.81
N HIS D 215 -2.66 -38.29 -9.25
CA HIS D 215 -3.60 -37.36 -8.66
C HIS D 215 -4.59 -36.83 -9.69
N LEU D 216 -4.12 -36.53 -10.89
CA LEU D 216 -5.01 -35.96 -11.90
C LEU D 216 -6.04 -36.96 -12.38
N THR D 217 -5.64 -38.24 -12.52
CA THR D 217 -6.61 -39.27 -12.92
C THR D 217 -7.73 -39.41 -11.89
N ARG D 218 -7.40 -39.25 -10.61
CA ARG D 218 -8.40 -39.46 -9.58
C ARG D 218 -9.42 -38.33 -9.53
N VAL D 219 -9.01 -37.10 -9.85
CA VAL D 219 -9.86 -35.93 -9.70
C VAL D 219 -10.44 -35.43 -11.01
N ASP D 220 -9.96 -35.91 -12.16
CA ASP D 220 -10.50 -35.52 -13.46
C ASP D 220 -11.66 -36.45 -13.78
N LEU D 221 -12.85 -36.10 -13.29
CA LEU D 221 -14.05 -36.91 -13.44
C LEU D 221 -15.03 -36.22 -14.39
N LYS D 222 -15.75 -37.03 -15.17
CA LYS D 222 -16.71 -36.54 -16.16
C LYS D 222 -18.05 -37.21 -15.98
N GLU D 223 -19.12 -36.43 -16.16
CA GLU D 223 -20.50 -36.91 -16.01
C GLU D 223 -21.31 -36.38 -17.18
N ASP D 224 -21.84 -37.30 -18.00
CA ASP D 224 -22.51 -36.95 -19.26
C ASP D 224 -21.58 -36.09 -20.12
N GLY D 225 -20.34 -36.56 -20.28
CA GLY D 225 -19.33 -35.85 -21.04
C GLY D 225 -18.91 -34.52 -20.47
N LYS D 226 -19.49 -34.09 -19.35
CA LYS D 226 -19.19 -32.79 -18.73
C LYS D 226 -18.35 -33.01 -17.49
N GLY D 227 -17.26 -32.25 -17.37
CA GLY D 227 -16.36 -32.42 -16.24
C GLY D 227 -16.97 -31.95 -14.93
N LEU D 228 -16.61 -32.64 -13.85
CA LEU D 228 -17.06 -32.27 -12.50
C LEU D 228 -16.04 -31.29 -11.92
N LYS D 229 -16.33 -30.00 -12.06
CA LYS D 229 -15.41 -28.94 -11.71
C LYS D 229 -15.66 -28.45 -10.29
N ILE D 230 -14.63 -27.81 -9.71
CA ILE D 230 -14.67 -27.25 -8.36
C ILE D 230 -13.78 -26.02 -8.34
N VAL D 231 -14.07 -25.13 -7.40
CA VAL D 231 -13.26 -23.92 -7.22
C VAL D 231 -12.39 -24.14 -5.99
N ARG D 232 -11.09 -24.27 -6.19
CA ARG D 232 -10.15 -24.56 -5.12
C ARG D 232 -9.51 -23.27 -4.60
N GLN D 233 -9.48 -23.13 -3.29
CA GLN D 233 -8.84 -22.00 -2.62
C GLN D 233 -7.75 -22.47 -1.66
N SER D 234 -7.16 -23.62 -1.97
CA SER D 234 -6.16 -24.25 -1.10
C SER D 234 -4.90 -23.40 -0.99
N LEU D 235 -4.14 -23.64 0.07
CA LEU D 235 -2.96 -22.84 0.40
C LEU D 235 -2.02 -23.61 1.31
N PRO D 236 -0.71 -23.52 1.09
CA PRO D 236 0.24 -24.08 2.05
C PRO D 236 0.08 -23.43 3.42
N TYR D 237 0.44 -24.18 4.45
CA TYR D 237 0.31 -23.69 5.81
C TYR D 237 1.39 -24.32 6.66
N GLY D 238 1.60 -23.75 7.82
CA GLY D 238 2.35 -24.39 8.86
C GLY D 238 3.70 -23.74 9.11
N THR D 239 4.54 -24.50 9.78
CA THR D 239 5.82 -24.01 10.25
C THR D 239 6.90 -24.82 9.54
N ALA D 240 8.11 -24.27 9.47
CA ALA D 240 9.17 -24.99 8.75
C ALA D 240 9.73 -26.15 9.57
N SER D 241 9.85 -25.97 10.88
CA SER D 241 10.46 -26.99 11.73
C SER D 241 9.46 -28.00 12.29
N GLY D 242 8.17 -27.79 12.08
CA GLY D 242 7.17 -28.70 12.59
C GLY D 242 6.14 -29.13 11.57
N THR D 243 4.87 -29.06 11.96
CA THR D 243 3.80 -29.52 11.09
C THR D 243 3.56 -28.53 9.96
N HIS D 244 3.40 -29.07 8.75
CA HIS D 244 3.21 -28.24 7.56
C HIS D 244 2.60 -29.11 6.48
N GLY D 245 2.01 -28.45 5.48
CA GLY D 245 1.40 -29.15 4.38
C GLY D 245 0.52 -28.26 3.54
N LEU D 246 -0.62 -28.81 3.11
CA LEU D 246 -1.58 -28.10 2.28
C LEU D 246 -2.92 -28.06 3.02
N TYR D 247 -3.52 -26.88 3.12
CA TYR D 247 -4.89 -26.78 3.62
C TYR D 247 -5.80 -26.75 2.41
N PHE D 248 -6.42 -27.90 2.11
CA PHE D 248 -7.28 -27.98 0.94
C PHE D 248 -8.64 -27.36 1.21
N CYS D 249 -9.10 -26.56 0.25
CA CYS D 249 -10.38 -25.89 0.35
C CYS D 249 -10.99 -25.83 -1.05
N ALA D 250 -12.25 -26.24 -1.18
CA ALA D 250 -12.93 -26.24 -2.47
C ALA D 250 -14.39 -25.81 -2.31
N TYR D 251 -14.88 -25.03 -3.27
CA TYR D 251 -16.27 -24.61 -3.36
C TYR D 251 -16.91 -25.21 -4.60
N CYS D 252 -18.21 -25.51 -4.53
CA CYS D 252 -18.93 -26.10 -5.66
C CYS D 252 -20.43 -25.87 -5.53
N ALA D 253 -21.10 -25.67 -6.68
CA ALA D 253 -22.55 -25.54 -6.68
C ALA D 253 -23.25 -26.81 -6.19
N ARG D 254 -22.59 -27.95 -6.28
CA ARG D 254 -23.13 -29.20 -5.73
C ARG D 254 -22.03 -29.95 -4.99
N LEU D 255 -22.34 -30.42 -3.79
CA LEU D 255 -21.42 -31.30 -3.09
C LEU D 255 -21.05 -32.52 -3.93
N HIS D 256 -21.90 -32.90 -4.87
CA HIS D 256 -21.74 -34.14 -5.63
C HIS D 256 -20.38 -34.20 -6.32
N ASN D 257 -19.97 -33.11 -6.96
CA ASN D 257 -18.67 -33.08 -7.63
C ASN D 257 -17.55 -33.41 -6.66
N ILE D 258 -17.58 -32.81 -5.47
CA ILE D 258 -16.51 -33.06 -4.51
C ILE D 258 -16.60 -34.49 -3.98
N GLU D 259 -17.82 -34.95 -3.65
CA GLU D 259 -18.02 -36.31 -3.18
C GLU D 259 -17.43 -37.33 -4.16
N GLN D 260 -17.71 -37.14 -5.45
CA GLN D 260 -17.16 -38.02 -6.48
C GLN D 260 -15.64 -38.03 -6.47
N GLN D 261 -15.02 -36.85 -6.38
CA GLN D 261 -13.57 -36.81 -6.36
C GLN D 261 -12.99 -37.45 -5.11
N LEU D 262 -13.64 -37.28 -3.96
CA LEU D 262 -13.18 -37.95 -2.75
C LEU D 262 -13.33 -39.46 -2.84
N LEU D 263 -14.54 -39.94 -3.16
CA LEU D 263 -14.76 -41.37 -3.36
C LEU D 263 -13.73 -41.95 -4.32
N SER D 264 -13.39 -41.19 -5.36
CA SER D 264 -12.37 -41.62 -6.31
C SER D 264 -10.99 -41.70 -5.67
N MET D 265 -10.54 -40.61 -5.02
CA MET D 265 -9.17 -40.57 -4.51
C MET D 265 -8.95 -41.54 -3.35
N PHE D 266 -10.00 -41.88 -2.62
CA PHE D 266 -9.86 -42.65 -1.39
C PHE D 266 -10.44 -44.06 -1.49
N GLY D 267 -10.57 -44.60 -2.71
CA GLY D 267 -10.75 -46.02 -2.92
C GLY D 267 -12.16 -46.48 -3.20
N ASP D 268 -13.17 -45.80 -2.69
CA ASP D 268 -14.55 -46.28 -2.76
C ASP D 268 -15.18 -46.21 -4.16
N THR D 269 -14.38 -46.16 -5.22
CA THR D 269 -14.90 -46.13 -6.59
C THR D 269 -14.34 -47.26 -7.45
N ASP D 270 -13.02 -47.47 -7.44
CA ASP D 270 -12.43 -48.50 -8.26
C ASP D 270 -11.25 -49.19 -7.56
N GLY D 271 -11.25 -49.19 -6.23
CA GLY D 271 -10.20 -49.85 -5.47
C GLY D 271 -8.88 -49.08 -5.46
N LYS D 272 -8.60 -48.38 -6.55
CA LYS D 272 -7.41 -47.55 -6.67
C LYS D 272 -7.48 -46.38 -5.68
N ARG D 273 -6.31 -45.85 -5.30
CA ARG D 273 -6.25 -44.72 -4.38
C ARG D 273 -5.14 -43.76 -4.78
N ASP D 274 -5.36 -42.48 -4.47
CA ASP D 274 -4.46 -41.41 -4.89
C ASP D 274 -3.03 -41.70 -4.44
N ALA D 275 -2.08 -41.52 -5.37
CA ALA D 275 -0.69 -41.84 -5.09
C ALA D 275 -0.04 -40.84 -4.14
N MET D 276 -0.64 -39.67 -3.94
CA MET D 276 -0.06 -38.69 -3.03
C MET D 276 -0.05 -39.19 -1.59
N LEU D 277 -0.88 -40.18 -1.25
CA LEU D 277 -0.81 -40.77 0.07
C LEU D 277 0.55 -41.38 0.36
N ARG D 278 1.44 -41.43 -0.64
CA ARG D 278 2.80 -41.91 -0.41
C ARG D 278 3.56 -41.01 0.56
N PHE D 279 3.27 -39.71 0.56
CA PHE D 279 4.05 -38.78 1.37
C PHE D 279 3.22 -37.84 2.23
N THR D 280 1.90 -37.82 2.09
CA THR D 280 1.09 -36.89 2.88
C THR D 280 -0.24 -37.55 3.19
N LYS D 281 -0.92 -37.03 4.21
CA LYS D 281 -2.16 -37.65 4.65
C LYS D 281 -3.09 -36.56 5.17
N PRO D 282 -4.40 -36.73 5.01
CA PRO D 282 -5.34 -35.77 5.60
C PRO D 282 -5.61 -36.11 7.05
N VAL D 283 -5.85 -35.05 7.84
CA VAL D 283 -6.05 -35.22 9.27
C VAL D 283 -7.33 -34.52 9.69
N THR D 284 -7.95 -33.79 8.76
CA THR D 284 -9.23 -33.13 9.02
C THR D 284 -10.10 -33.32 7.79
N GLY D 285 -11.40 -33.05 7.96
CA GLY D 285 -12.30 -33.05 6.81
C GLY D 285 -13.74 -32.74 7.18
N GLY D 286 -14.35 -31.77 6.49
CA GLY D 286 -15.73 -31.41 6.77
C GLY D 286 -16.41 -30.81 5.57
N TYR D 287 -17.73 -30.97 5.51
CA TYR D 287 -18.59 -30.34 4.52
C TYR D 287 -19.35 -29.19 5.15
N TYR D 288 -19.58 -28.12 4.38
CA TYR D 288 -20.31 -26.97 4.89
C TYR D 288 -21.11 -26.34 3.76
N PHE D 289 -22.23 -25.71 4.12
CA PHE D 289 -23.02 -24.95 3.17
C PHE D 289 -22.82 -23.46 3.44
N ALA D 290 -22.40 -22.73 2.40
CA ALA D 290 -22.24 -21.28 2.46
C ALA D 290 -23.45 -20.61 1.85
N PRO D 291 -24.36 -20.05 2.65
CA PRO D 291 -25.53 -19.36 2.07
C PRO D 291 -25.12 -18.10 1.33
N SER D 292 -26.07 -17.58 0.56
CA SER D 292 -25.84 -16.28 -0.07
C SER D 292 -25.66 -15.20 1.00
N LEU D 293 -25.07 -14.08 0.58
CA LEU D 293 -24.85 -12.98 1.51
C LEU D 293 -26.16 -12.45 2.06
N ASP D 294 -27.19 -12.34 1.20
CA ASP D 294 -28.49 -11.85 1.68
C ASP D 294 -29.10 -12.83 2.68
N LYS D 295 -29.08 -14.13 2.36
CA LYS D 295 -29.67 -15.12 3.26
C LYS D 295 -28.93 -15.18 4.59
N LEU D 296 -27.65 -14.80 4.63
CA LEU D 296 -26.92 -14.70 5.88
C LEU D 296 -27.52 -13.61 6.77
N MET D 297 -28.69 -13.08 6.37
CA MET D 297 -29.42 -12.02 7.08
C MET D 297 -28.60 -10.75 7.20
N ALA D 298 -27.64 -10.56 6.28
CA ALA D 298 -26.81 -9.36 6.22
C ALA D 298 -26.05 -9.25 4.90
CHA HEM E . -21.22 3.90 -11.25
CHB HEM E . -19.75 8.22 -9.59
CHC HEM E . -20.72 10.22 -13.90
CHD HEM E . -21.53 5.80 -15.68
C1A HEM E . -20.80 4.91 -10.40
C2A HEM E . -20.62 4.80 -8.97
C3A HEM E . -20.22 5.99 -8.52
C4A HEM E . -20.13 6.90 -9.64
CMA HEM E . -19.89 6.36 -7.05
CAA HEM E . -20.86 3.52 -8.15
CBA HEM E . -19.55 2.74 -8.03
CGA HEM E . -19.24 1.97 -9.29
O1A HEM E . -18.42 2.44 -10.11
O2A HEM E . -19.84 0.87 -9.48
C1B HEM E . -19.91 9.15 -10.59
C2B HEM E . -19.66 10.58 -10.49
C3B HEM E . -19.94 11.13 -11.68
C4B HEM E . -20.36 10.07 -12.58
CMB HEM E . -19.17 11.27 -9.18
CAB HEM E . -19.85 12.61 -12.14
CBB HEM E . -19.37 13.59 -11.37
C1C HEM E . -21.03 9.20 -14.78
C2C HEM E . -21.35 9.33 -16.20
C3C HEM E . -21.59 8.10 -16.67
C4C HEM E . -21.40 7.16 -15.58
CMC HEM E . -21.42 10.68 -16.95
CAC HEM E . -21.95 7.63 -18.10
CBC HEM E . -21.83 8.41 -19.18
C1D HEM E . -21.54 4.91 -14.64
C2D HEM E . -21.82 3.49 -14.75
C3D HEM E . -21.73 2.95 -13.55
C4D HEM E . -21.40 4.01 -12.61
CMD HEM E . -22.14 2.77 -16.08
CAD HEM E . -21.96 1.45 -13.22
CBD HEM E . -23.31 1.30 -12.53
CGD HEM E . -23.71 -0.16 -12.38
O1D HEM E . -23.90 -0.60 -11.21
O2D HEM E . -23.81 -0.88 -13.40
NA HEM E . -20.49 6.20 -10.77
NB HEM E . -20.32 8.88 -11.87
NC HEM E . -21.07 7.86 -14.46
ND HEM E . -21.29 5.19 -13.31
FE HEM E . -20.75 7.03 -12.61
CHA HEM F . 8.20 1.88 22.94
CHB HEM F . 4.78 -1.59 22.97
CHC HEM F . 7.81 -4.52 25.35
CHD HEM F . 11.35 -1.26 24.83
C1A HEM F . 7.01 1.22 22.79
C2A HEM F . 5.79 1.79 22.27
C3A HEM F . 4.84 0.84 22.28
C4A HEM F . 5.42 -0.38 22.81
CMA HEM F . 3.37 0.99 21.82
CAA HEM F . 5.63 3.26 21.80
CBA HEM F . 5.86 3.40 20.30
CGA HEM F . 7.32 3.24 19.93
O1A HEM F . 7.73 2.11 19.56
O2A HEM F . 8.06 4.25 19.97
C1B HEM F . 5.28 -2.68 23.63
C2B HEM F . 4.56 -3.90 23.94
C3B HEM F . 5.42 -4.71 24.60
C4B HEM F . 6.69 -4.03 24.73
CMB HEM F . 3.09 -4.16 23.52
CAB HEM F . 5.18 -6.13 25.16
CBB HEM F . 3.96 -6.64 25.32
C1C HEM F . 9.04 -3.89 25.44
C2C HEM F . 10.24 -4.41 26.09
C3C HEM F . 11.22 -3.49 25.94
C4C HEM F . 10.66 -2.40 25.20
CMC HEM F . 10.32 -5.78 26.80
CAC HEM F . 12.70 -3.51 26.41
CBC HEM F . 13.32 -4.61 26.86
C1D HEM F . 10.81 -0.14 24.27
C2D HEM F . 11.54 1.05 23.96
C3D HEM F . 10.70 1.93 23.43
C4D HEM F . 9.38 1.33 23.41
CMD HEM F . 13.06 1.20 24.20
CAD HEM F . 11.05 3.36 22.95
CBD HEM F . 10.65 4.38 24.01
CGD HEM F . 11.14 5.76 23.63
O1D HEM F . 10.30 6.68 23.48
O2D HEM F . 12.37 5.94 23.47
NA HEM F . 6.75 -0.11 23.09
NB HEM F . 6.56 -2.80 24.13
NC HEM F . 9.35 -2.66 24.91
ND HEM F . 9.49 0.05 23.93
FE HEM F . 8.06 -1.43 23.97
CHA HEM G . 21.82 22.90 -5.93
CHB HEM G . 18.69 23.58 -9.58
CHC HEM G . 16.91 27.51 -7.37
CHD HEM G . 19.89 26.69 -3.62
C1A HEM G . 21.15 22.77 -7.12
C2A HEM G . 21.41 21.77 -8.14
C3A HEM G . 20.55 21.96 -9.14
C4A HEM G . 19.70 23.08 -8.80
CMA HEM G . 20.48 21.13 -10.44
CAA HEM G . 22.52 20.69 -8.05
CBA HEM G . 21.99 19.43 -7.39
CGA HEM G . 21.99 19.59 -5.89
O1A HEM G . 20.91 19.89 -5.32
O2A HEM G . 23.06 19.41 -5.25
C1B HEM G . 17.93 24.69 -9.31
C2B HEM G . 16.87 25.21 -10.14
C3B HEM G . 16.36 26.29 -9.52
C4B HEM G . 17.11 26.49 -8.29
CMB HEM G . 16.45 24.55 -11.48
CAB HEM G . 15.22 27.24 -9.98
CBB HEM G . 14.67 27.22 -11.20
C1C HEM G . 17.59 27.68 -6.18
C2C HEM G . 17.48 28.78 -5.25
C3C HEM G . 18.31 28.56 -4.23
C4C HEM G . 18.97 27.29 -4.46
CMC HEM G . 16.56 30.00 -5.48
CAC HEM G . 18.59 29.41 -2.95
CBC HEM G . 17.86 30.45 -2.56
C1D HEM G . 20.69 25.60 -3.91
C2D HEM G . 21.74 25.06 -3.08
C3D HEM G . 22.28 24.02 -3.71
C4D HEM G . 21.58 23.86 -4.97
CMD HEM G . 22.19 25.59 -1.69
CAD HEM G . 23.44 23.14 -3.19
CBD HEM G . 24.80 23.75 -3.52
CGD HEM G . 25.89 22.90 -2.91
O1D HEM G . 26.46 22.05 -3.64
O2D HEM G . 26.19 23.06 -1.70
NA HEM G . 20.09 23.55 -7.57
NB HEM G . 18.05 25.49 -8.20
NC HEM G . 18.51 26.78 -5.65
ND HEM G . 20.61 24.84 -5.05
FE HEM G . 19.28 25.14 -6.58
CHA HEM H . -5.01 -30.45 -9.23
CHB HEM H . -2.03 -31.06 -5.45
CHC HEM H . -5.73 -32.63 -2.76
CHD HEM H . -8.75 -31.80 -6.45
C1A HEM H . -3.89 -30.52 -8.45
C2A HEM H . -2.53 -30.22 -8.87
C3A HEM H . -1.72 -30.39 -7.83
C4A HEM H . -2.51 -30.79 -6.70
CMA HEM H . -0.18 -30.20 -7.81
CAA HEM H . -2.13 -29.80 -10.30
CBA HEM H . -2.17 -28.27 -10.44
CGA HEM H . -3.58 -27.81 -10.68
O1A HEM H . -4.23 -27.35 -9.70
O2A HEM H . -4.06 -27.91 -11.83
C1B HEM H . -2.76 -31.52 -4.39
C2B HEM H . -2.24 -31.78 -3.07
C3B HEM H . -3.27 -32.22 -2.31
C4B HEM H . -4.45 -32.24 -3.14
CMB HEM H . -0.76 -31.56 -2.70
CAB HEM H . -3.26 -32.65 -0.82
CBB HEM H . -2.15 -32.81 -0.09
C1C HEM H . -6.87 -32.57 -3.52
C2C HEM H . -8.18 -33.01 -3.13
C3C HEM H . -9.03 -32.78 -4.16
C4C HEM H . -8.25 -32.19 -5.23
CMC HEM H . -8.48 -33.63 -1.74
CAC HEM H . -10.55 -33.06 -4.30
CBC HEM H . -11.32 -33.63 -3.36
C1D HEM H . -8.03 -31.35 -7.53
C2D HEM H . -8.54 -30.97 -8.84
C3D HEM H . -7.51 -30.60 -9.60
C4D HEM H . -6.30 -30.73 -8.82
CMD HEM H . -10.02 -30.99 -9.27
CAD HEM H . -7.61 -30.13 -11.08
CBD HEM H . -7.56 -31.35 -11.99
CGD HEM H . -7.90 -31.01 -13.42
O1D HEM H . -6.95 -30.80 -14.22
O2D HEM H . -9.11 -30.96 -13.76
NA HEM H . -3.83 -30.86 -7.11
NB HEM H . -4.11 -31.81 -4.39
NC HEM H . -6.94 -32.07 -4.81
ND HEM H . -6.65 -31.19 -7.56
FE HEM H . -5.39 -31.37 -5.93
#